data_5G2M
#
_entry.id   5G2M
#
_cell.length_a   65.317
_cell.length_b   74.550
_cell.length_c   76.032
_cell.angle_alpha   90.00
_cell.angle_beta   110.28
_cell.angle_gamma   90.00
#
_symmetry.space_group_name_H-M   'P 1 21 1'
#
loop_
_entity.id
_entity.type
_entity.pdbx_description
1 polymer BETA-HEXOSAMINIDASE
2 non-polymer 2-acetamido-2-deoxy-beta-D-glucopyranose
#
_entity_poly.entity_id   1
_entity_poly.type   'polypeptide(L)'
_entity_poly.pdbx_seq_one_letter_code
;MGSSHHHHHHSSGLVPRGSHMQGSLMLDIGGTWLTAEDRQILRHPEVGGLIIFARNIEHPAQVRELCAAIRAIRPDLLLA
VDQEGGRVQRLRQGFVRLPAMRAIADNPNAEELAEHCGWLMATEVQAVGLDLSFAPVLDLDHQRSAVVGSRAFEGDPERA
ALLAGAFIRGMHAAGMAATGKHFPGHGWAEADSHVAIPEDARSLEEIRRSDLVPFARLAGQLDALMPAHVIYPQVDPQPA
GFSRRWLQEILRGELKFDGVIFSDDLSMAGAHVVGDAASRIEAALAAGCDMGLVCNDRASAELALAALQRLKVTPPSRLQ
RMRGKGYANTDYRQQPRWLEALSALRAAQLID
;
_entity_poly.pdbx_strand_id   A,B
#
loop_
_chem_comp.id
_chem_comp.type
_chem_comp.name
_chem_comp.formula
NAG D-saccharide, beta linking 2-acetamido-2-deoxy-beta-D-glucopyranose 'C8 H15 N O6'
#
# COMPACT_ATOMS: atom_id res chain seq x y z
N HIS A 20 -41.96 11.18 -0.87
CA HIS A 20 -41.32 12.16 -0.01
C HIS A 20 -40.58 11.50 1.14
N MET A 21 -39.25 11.50 1.07
CA MET A 21 -38.42 10.94 2.12
C MET A 21 -37.07 11.64 2.09
N GLN A 22 -36.15 11.18 2.94
CA GLN A 22 -34.83 11.80 3.06
C GLN A 22 -33.76 10.87 2.51
N GLY A 23 -32.69 11.46 2.03
CA GLY A 23 -31.58 10.71 1.48
C GLY A 23 -30.69 11.60 0.64
N SER A 24 -29.48 11.11 0.38
CA SER A 24 -28.50 11.85 -0.39
C SER A 24 -27.51 10.88 -1.00
N LEU A 25 -26.68 11.41 -1.90
CA LEU A 25 -25.74 10.59 -2.67
C LEU A 25 -24.34 11.18 -2.58
N MET A 26 -23.35 10.30 -2.44
CA MET A 26 -21.94 10.69 -2.47
C MET A 26 -21.25 9.89 -3.56
N LEU A 27 -20.67 10.60 -4.52
CA LEU A 27 -20.02 9.97 -5.67
C LEU A 27 -18.55 10.42 -5.74
N ASP A 28 -17.94 10.15 -6.89
CA ASP A 28 -16.53 10.47 -7.09
C ASP A 28 -16.31 10.84 -8.55
N ILE A 29 -15.11 11.34 -8.85
CA ILE A 29 -14.75 11.71 -10.20
C ILE A 29 -13.64 10.79 -10.69
N GLY A 30 -13.17 11.01 -11.92
CA GLY A 30 -12.19 10.13 -12.51
C GLY A 30 -10.77 10.69 -12.51
N GLY A 31 -10.61 11.90 -13.02
CA GLY A 31 -9.31 12.52 -13.16
C GLY A 31 -8.96 13.44 -12.02
N THR A 32 -8.02 14.35 -12.27
CA THR A 32 -7.58 15.30 -11.26
C THR A 32 -8.33 16.62 -11.33
N TRP A 33 -8.85 16.98 -12.50
CA TRP A 33 -9.73 18.14 -12.62
C TRP A 33 -11.11 17.67 -13.07
N LEU A 34 -12.10 18.55 -12.89
CA LEU A 34 -13.48 18.22 -13.19
C LEU A 34 -13.68 18.13 -14.70
N THR A 35 -14.31 17.04 -15.16
CA THR A 35 -14.70 16.94 -16.56
C THR A 35 -16.05 17.62 -16.79
N ALA A 36 -16.47 17.68 -18.05
CA ALA A 36 -17.71 18.36 -18.40
C ALA A 36 -18.91 17.74 -17.69
N GLU A 37 -19.04 16.41 -17.78
CA GLU A 37 -20.16 15.74 -17.13
C GLU A 37 -20.02 15.71 -15.61
N ASP A 38 -18.79 15.79 -15.10
CA ASP A 38 -18.58 15.92 -13.66
C ASP A 38 -19.26 17.17 -13.13
N ARG A 39 -19.07 18.30 -13.81
CA ARG A 39 -19.73 19.54 -13.40
C ARG A 39 -21.24 19.40 -13.50
N GLN A 40 -21.73 18.73 -14.55
CA GLN A 40 -23.16 18.62 -14.76
C GLN A 40 -23.82 17.72 -13.72
N ILE A 41 -23.20 16.58 -13.42
CA ILE A 41 -23.81 15.65 -12.48
C ILE A 41 -23.77 16.20 -11.05
N LEU A 42 -22.81 17.08 -10.75
CA LEU A 42 -22.72 17.64 -9.41
C LEU A 42 -23.83 18.63 -9.12
N ARG A 43 -24.42 19.25 -10.14
CA ARG A 43 -25.43 20.28 -9.93
C ARG A 43 -26.73 19.74 -9.36
N HIS A 44 -26.93 18.42 -9.38
CA HIS A 44 -28.19 17.86 -8.90
C HIS A 44 -28.22 17.89 -7.37
N PRO A 45 -29.30 18.38 -6.75
CA PRO A 45 -29.32 18.49 -5.30
C PRO A 45 -29.29 17.15 -4.57
N GLU A 46 -29.74 16.07 -5.20
CA GLU A 46 -29.68 14.77 -4.55
C GLU A 46 -28.25 14.32 -4.30
N VAL A 47 -27.29 14.83 -5.07
CA VAL A 47 -25.88 14.58 -4.81
C VAL A 47 -25.46 15.44 -3.63
N GLY A 48 -25.09 14.80 -2.53
CA GLY A 48 -24.77 15.51 -1.30
C GLY A 48 -23.31 15.48 -0.92
N GLY A 49 -22.51 14.66 -1.60
CA GLY A 49 -21.11 14.55 -1.22
C GLY A 49 -20.24 14.08 -2.36
N LEU A 50 -18.94 14.17 -2.13
CA LEU A 50 -17.94 13.73 -3.09
C LEU A 50 -16.72 13.25 -2.30
N ILE A 51 -16.19 12.09 -2.69
CA ILE A 51 -15.03 11.49 -2.03
C ILE A 51 -13.93 11.30 -3.07
N ILE A 52 -12.70 11.56 -2.67
CA ILE A 52 -11.56 11.50 -3.58
C ILE A 52 -10.67 10.32 -3.21
N PHE A 53 -9.94 9.83 -4.20
CA PHE A 53 -9.02 8.72 -4.02
C PHE A 53 -7.64 9.10 -4.57
N ALA A 54 -6.75 8.11 -4.69
CA ALA A 54 -5.39 8.42 -5.13
C ALA A 54 -5.36 8.97 -6.55
N ARG A 55 -6.26 8.52 -7.42
CA ARG A 55 -6.29 8.99 -8.80
C ARG A 55 -6.66 10.46 -8.91
N ASN A 56 -7.23 11.05 -7.86
CA ASN A 56 -7.63 12.46 -7.87
C ASN A 56 -6.59 13.38 -7.24
N ILE A 57 -5.54 12.83 -6.65
CA ILE A 57 -4.57 13.61 -5.87
C ILE A 57 -3.25 13.67 -6.63
N GLU A 58 -2.62 14.85 -6.61
CA GLU A 58 -1.31 15.02 -7.21
C GLU A 58 -0.42 15.92 -6.34
N HIS A 59 -0.95 17.06 -5.94
CA HIS A 59 -0.23 18.04 -5.13
C HIS A 59 -1.18 18.64 -4.12
N PRO A 60 -0.66 19.26 -3.05
CA PRO A 60 -1.57 19.97 -2.13
C PRO A 60 -2.23 21.16 -2.77
N ALA A 61 -1.49 21.95 -3.56
CA ALA A 61 -2.09 23.07 -4.26
C ALA A 61 -3.07 22.62 -5.35
N GLN A 62 -2.89 21.41 -5.87
CA GLN A 62 -3.82 20.89 -6.86
C GLN A 62 -5.14 20.47 -6.20
N VAL A 63 -5.06 19.65 -5.14
CA VAL A 63 -6.27 19.20 -4.47
C VAL A 63 -6.99 20.38 -3.83
N ARG A 64 -6.26 21.45 -3.49
CA ARG A 64 -6.89 22.66 -2.97
C ARG A 64 -7.72 23.35 -4.04
N GLU A 65 -7.17 23.47 -5.25
CA GLU A 65 -7.94 24.03 -6.36
C GLU A 65 -9.07 23.11 -6.80
N LEU A 66 -8.87 21.80 -6.68
CA LEU A 66 -9.94 20.85 -7.02
C LEU A 66 -11.16 21.07 -6.14
N CYS A 67 -10.94 21.25 -4.83
CA CYS A 67 -12.06 21.56 -3.94
C CYS A 67 -12.65 22.92 -4.27
N ALA A 68 -11.81 23.92 -4.50
CA ALA A 68 -12.30 25.25 -4.85
C ALA A 68 -13.13 25.21 -6.12
N ALA A 69 -12.72 24.40 -7.09
CA ALA A 69 -13.52 24.26 -8.31
C ALA A 69 -14.90 23.67 -8.01
N ILE A 70 -14.98 22.77 -7.03
CA ILE A 70 -16.27 22.16 -6.70
C ILE A 70 -17.16 23.15 -5.93
N ARG A 71 -16.58 23.87 -4.97
CA ARG A 71 -17.37 24.83 -4.19
C ARG A 71 -17.95 25.91 -5.09
N ALA A 72 -17.25 26.24 -6.18
CA ALA A 72 -17.79 27.19 -7.14
C ALA A 72 -19.09 26.68 -7.74
N ILE A 73 -19.26 25.37 -7.81
CA ILE A 73 -20.48 24.76 -8.32
C ILE A 73 -21.49 24.53 -7.21
N ARG A 74 -21.09 23.82 -6.15
CA ARG A 74 -21.97 23.51 -5.02
C ARG A 74 -21.26 23.94 -3.75
N PRO A 75 -21.55 25.15 -3.26
CA PRO A 75 -20.92 25.61 -2.00
C PRO A 75 -21.29 24.78 -0.79
N ASP A 76 -22.27 23.89 -0.90
CA ASP A 76 -22.79 23.12 0.21
C ASP A 76 -22.32 21.67 0.21
N LEU A 77 -21.58 21.25 -0.82
CA LEU A 77 -21.24 19.84 -0.97
C LEU A 77 -20.27 19.39 0.10
N LEU A 78 -20.33 18.09 0.42
CA LEU A 78 -19.44 17.46 1.38
C LEU A 78 -18.28 16.82 0.65
N LEU A 79 -17.05 17.13 1.07
CA LEU A 79 -15.85 16.61 0.44
C LEU A 79 -15.07 15.78 1.46
N ALA A 80 -14.92 14.50 1.17
CA ALA A 80 -14.33 13.54 2.09
C ALA A 80 -13.16 12.81 1.43
N VAL A 81 -12.42 12.06 2.25
CA VAL A 81 -11.24 11.33 1.79
C VAL A 81 -10.91 10.30 2.86
N ASP A 82 -10.11 9.30 2.50
CA ASP A 82 -9.70 8.24 3.41
C ASP A 82 -8.30 8.56 3.93
N GLN A 83 -8.23 9.20 5.09
CA GLN A 83 -6.97 9.65 5.67
C GLN A 83 -6.90 9.23 7.14
N GLU A 84 -6.36 8.05 7.38
CA GLU A 84 -6.06 7.56 8.72
C GLU A 84 -4.55 7.55 8.90
N GLY A 85 -4.05 6.65 9.73
CA GLY A 85 -2.62 6.50 9.96
C GLY A 85 -2.15 5.15 9.44
N GLY A 86 -1.01 5.16 8.77
CA GLY A 86 -0.43 3.93 8.27
C GLY A 86 -0.54 3.73 6.79
N ARG A 87 -1.06 2.58 6.37
CA ARG A 87 -1.12 2.23 4.95
C ARG A 87 -2.30 2.86 4.23
N VAL A 88 -3.30 3.33 4.97
CA VAL A 88 -4.46 3.97 4.35
C VAL A 88 -4.31 5.49 4.46
N GLN A 89 -3.49 6.06 3.58
CA GLN A 89 -3.27 7.51 3.53
C GLN A 89 -3.22 7.91 2.07
N ARG A 90 -4.27 8.56 1.59
CA ARG A 90 -4.34 8.96 0.19
C ARG A 90 -3.53 10.22 -0.10
N LEU A 91 -3.39 11.10 0.89
CA LEU A 91 -2.68 12.37 0.74
C LEU A 91 -1.24 12.18 1.17
N ARG A 92 -0.31 12.16 0.21
CA ARG A 92 1.07 11.79 0.48
C ARG A 92 2.10 12.80 -0.01
N GLN A 93 2.02 13.19 -1.28
CA GLN A 93 3.10 13.94 -1.93
C GLN A 93 3.47 15.22 -1.19
N GLY A 94 2.53 15.83 -0.48
CA GLY A 94 2.81 17.09 0.18
C GLY A 94 2.39 17.09 1.63
N PHE A 95 2.09 15.92 2.16
CA PHE A 95 1.55 15.77 3.50
C PHE A 95 2.50 14.97 4.38
N VAL A 96 2.42 15.23 5.69
CA VAL A 96 3.25 14.48 6.63
C VAL A 96 2.70 13.06 6.78
N ARG A 97 3.60 12.08 6.82
CA ARG A 97 3.21 10.69 6.88
C ARG A 97 2.84 10.34 8.31
N LEU A 98 1.57 10.05 8.54
CA LEU A 98 1.09 9.72 9.88
C LEU A 98 1.27 8.21 10.13
N PRO A 99 1.71 7.84 11.33
CA PRO A 99 1.93 6.43 11.63
C PRO A 99 0.61 5.69 11.81
N ALA A 100 0.68 4.37 11.68
CA ALA A 100 -0.49 3.54 11.90
C ALA A 100 -0.96 3.70 13.34
N MET A 101 -2.29 3.67 13.52
CA MET A 101 -2.88 3.88 14.83
C MET A 101 -2.49 2.79 15.82
N ARG A 102 -2.09 1.62 15.35
CA ARG A 102 -1.59 0.59 16.25
C ARG A 102 -0.27 1.00 16.90
N ALA A 103 0.59 1.70 16.15
CA ALA A 103 1.85 2.16 16.69
C ALA A 103 1.67 3.26 17.73
N ILE A 104 0.53 3.96 17.70
CA ILE A 104 0.27 5.00 18.70
C ILE A 104 0.05 4.38 20.08
N ALA A 105 -0.53 3.18 20.14
CA ALA A 105 -0.89 2.58 21.42
C ALA A 105 0.34 2.28 22.27
N ASP A 106 1.44 1.88 21.64
CA ASP A 106 2.65 1.44 22.35
C ASP A 106 3.45 2.63 22.88
N ASN A 107 2.78 3.44 23.72
CA ASN A 107 3.39 4.62 24.33
C ASN A 107 2.70 4.90 25.65
N PRO A 108 3.44 5.39 26.66
CA PRO A 108 2.75 5.80 27.89
C PRO A 108 1.88 7.03 27.69
N ASN A 109 2.35 8.01 26.92
CA ASN A 109 1.57 9.20 26.60
C ASN A 109 0.74 9.00 25.34
N ALA A 110 0.15 7.82 25.18
CA ALA A 110 -0.54 7.49 23.94
C ALA A 110 -1.89 8.16 23.80
N GLU A 111 -2.51 8.59 24.90
CA GLU A 111 -3.81 9.24 24.80
C GLU A 111 -3.67 10.60 24.10
N GLU A 112 -2.79 11.45 24.61
CA GLU A 112 -2.54 12.74 23.95
C GLU A 112 -1.79 12.57 22.64
N LEU A 113 -0.98 11.50 22.52
CA LEU A 113 -0.32 11.22 21.26
C LEU A 113 -1.34 10.95 20.16
N ALA A 114 -2.43 10.25 20.49
CA ALA A 114 -3.51 10.08 19.53
C ALA A 114 -4.30 11.38 19.35
N GLU A 115 -4.35 12.21 20.40
CA GLU A 115 -5.05 13.48 20.28
C GLU A 115 -4.33 14.43 19.33
N HIS A 116 -3.00 14.49 19.42
CA HIS A 116 -2.24 15.29 18.47
C HIS A 116 -2.38 14.73 17.06
N CYS A 117 -2.52 13.40 16.93
CA CYS A 117 -2.66 12.81 15.61
C CYS A 117 -3.97 13.20 14.95
N GLY A 118 -5.06 13.22 15.72
CA GLY A 118 -6.34 13.63 15.15
C GLY A 118 -6.36 15.10 14.77
N TRP A 119 -5.77 15.95 15.61
CA TRP A 119 -5.71 17.37 15.31
C TRP A 119 -4.85 17.64 14.07
N LEU A 120 -3.69 16.98 13.99
CA LEU A 120 -2.77 17.24 12.89
C LEU A 120 -3.30 16.68 11.57
N MET A 121 -4.01 15.55 11.62
CA MET A 121 -4.57 14.99 10.40
C MET A 121 -5.70 15.86 9.87
N ALA A 122 -6.60 16.31 10.76
CA ALA A 122 -7.74 17.10 10.32
C ALA A 122 -7.32 18.49 9.83
N THR A 123 -6.42 19.15 10.56
CA THR A 123 -5.98 20.48 10.15
C THR A 123 -5.34 20.45 8.76
N GLU A 124 -4.60 19.38 8.46
CA GLU A 124 -3.90 19.34 7.18
C GLU A 124 -4.85 19.02 6.03
N VAL A 125 -5.80 18.10 6.24
CA VAL A 125 -6.74 17.77 5.17
C VAL A 125 -7.77 18.88 5.02
N GLN A 126 -8.03 19.65 6.07
CA GLN A 126 -8.91 20.80 5.93
C GLN A 126 -8.19 21.97 5.25
N ALA A 127 -6.86 22.02 5.37
CA ALA A 127 -6.11 23.09 4.74
C ALA A 127 -6.14 23.01 3.23
N VAL A 128 -6.55 21.88 2.66
CA VAL A 128 -6.61 21.70 1.21
C VAL A 128 -8.05 21.71 0.71
N GLY A 129 -9.02 22.13 1.54
CA GLY A 129 -10.37 22.33 1.10
C GLY A 129 -11.35 21.22 1.43
N LEU A 130 -10.88 20.11 2.01
CA LEU A 130 -11.75 18.99 2.30
C LEU A 130 -12.49 19.18 3.61
N ASP A 131 -13.73 18.67 3.65
CA ASP A 131 -14.56 18.80 4.84
C ASP A 131 -14.25 17.73 5.86
N LEU A 132 -14.04 16.50 5.41
CA LEU A 132 -14.18 15.33 6.24
C LEU A 132 -13.14 14.29 5.89
N SER A 133 -12.76 13.50 6.89
CA SER A 133 -11.97 12.29 6.70
C SER A 133 -12.70 11.14 7.40
N PHE A 134 -12.80 10.00 6.71
CA PHE A 134 -13.48 8.83 7.27
C PHE A 134 -12.53 8.18 8.27
N ALA A 135 -12.56 8.71 9.49
CA ALA A 135 -11.66 8.30 10.57
C ALA A 135 -12.32 8.63 11.90
N PRO A 136 -11.99 7.89 12.97
CA PRO A 136 -11.03 6.78 13.02
C PRO A 136 -11.68 5.40 12.91
N VAL A 137 -10.86 4.39 12.68
CA VAL A 137 -11.33 3.00 12.67
C VAL A 137 -11.57 2.56 14.11
N LEU A 138 -12.75 2.00 14.37
CA LEU A 138 -13.10 1.50 15.70
C LEU A 138 -13.07 -0.02 15.77
N ASP A 139 -12.60 -0.68 14.72
CA ASP A 139 -12.52 -2.13 14.72
C ASP A 139 -11.50 -2.61 15.75
N LEU A 140 -11.69 -3.83 16.23
CA LEU A 140 -10.80 -4.43 17.20
C LEU A 140 -9.82 -5.36 16.50
N ASP A 141 -8.54 -5.20 16.81
CA ASP A 141 -7.48 -5.97 16.15
C ASP A 141 -7.39 -7.34 16.81
N HIS A 142 -8.33 -8.21 16.44
CA HIS A 142 -8.17 -9.64 16.70
C HIS A 142 -7.26 -10.23 15.62
N GLN A 143 -7.18 -11.56 15.59
CA GLN A 143 -6.13 -12.19 14.80
C GLN A 143 -6.50 -12.37 13.34
N ARG A 144 -7.79 -12.48 13.01
CA ARG A 144 -8.19 -13.07 11.74
C ARG A 144 -8.48 -12.05 10.64
N SER A 145 -9.19 -10.97 10.92
CA SER A 145 -9.55 -10.03 9.86
C SER A 145 -8.31 -9.29 9.38
N ALA A 146 -8.03 -9.39 8.08
CA ALA A 146 -6.85 -8.78 7.48
C ALA A 146 -7.08 -7.36 6.99
N VAL A 147 -8.34 -7.02 6.65
CA VAL A 147 -8.62 -5.68 6.13
C VAL A 147 -8.52 -4.63 7.24
N VAL A 148 -8.62 -5.04 8.51
CA VAL A 148 -8.42 -4.11 9.61
C VAL A 148 -6.94 -4.04 9.95
N GLY A 149 -6.36 -5.17 10.35
CA GLY A 149 -4.93 -5.26 10.62
C GLY A 149 -4.37 -4.15 11.48
N SER A 150 -3.44 -3.38 10.92
CA SER A 150 -2.76 -2.31 11.63
C SER A 150 -3.59 -1.03 11.69
N ARG A 151 -4.72 -0.98 10.98
CA ARG A 151 -5.57 0.22 10.99
C ARG A 151 -6.23 0.45 12.34
N ALA A 152 -6.34 -0.57 13.18
CA ALA A 152 -6.95 -0.43 14.49
C ALA A 152 -5.90 -0.07 15.54
N PHE A 153 -6.38 0.33 16.72
CA PHE A 153 -5.48 0.65 17.82
C PHE A 153 -4.91 -0.61 18.47
N GLU A 154 -5.73 -1.33 19.23
CA GLU A 154 -5.29 -2.55 19.90
C GLU A 154 -6.43 -3.57 19.81
N GLY A 155 -6.27 -4.68 20.51
CA GLY A 155 -7.27 -5.73 20.47
C GLY A 155 -8.24 -5.70 21.63
N ASP A 156 -7.76 -5.32 22.81
CA ASP A 156 -8.66 -5.22 23.96
C ASP A 156 -9.63 -4.05 23.73
N PRO A 157 -10.91 -4.23 24.01
CA PRO A 157 -11.92 -3.26 23.58
C PRO A 157 -11.86 -1.91 24.27
N GLU A 158 -11.94 -1.91 25.61
CA GLU A 158 -12.12 -0.66 26.34
C GLU A 158 -10.97 0.32 26.13
N ARG A 159 -9.73 -0.18 25.99
CA ARG A 159 -8.62 0.72 25.74
C ARG A 159 -8.69 1.31 24.34
N ALA A 160 -9.04 0.50 23.34
CA ALA A 160 -9.14 1.00 21.97
C ALA A 160 -10.19 2.11 21.87
N ALA A 161 -11.27 2.02 22.64
CA ALA A 161 -12.27 3.08 22.64
C ALA A 161 -11.74 4.33 23.33
N LEU A 162 -10.87 4.17 24.33
CA LEU A 162 -10.27 5.33 24.98
C LEU A 162 -9.31 6.05 24.03
N LEU A 163 -8.47 5.29 23.32
CA LEU A 163 -7.53 5.90 22.38
C LEU A 163 -8.24 6.52 21.19
N ALA A 164 -9.35 5.91 20.75
CA ALA A 164 -10.08 6.47 19.61
C ALA A 164 -10.85 7.73 20.02
N GLY A 165 -11.36 7.76 21.25
CA GLY A 165 -12.03 8.96 21.72
C GLY A 165 -11.07 10.14 21.82
N ALA A 166 -9.83 9.88 22.22
CA ALA A 166 -8.82 10.94 22.21
C ALA A 166 -8.51 11.39 20.79
N PHE A 167 -8.48 10.45 19.84
CA PHE A 167 -8.28 10.81 18.44
C PHE A 167 -9.41 11.69 17.93
N ILE A 168 -10.64 11.42 18.39
CA ILE A 168 -11.78 12.23 17.98
C ILE A 168 -11.70 13.62 18.60
N ARG A 169 -11.19 13.72 19.83
CA ARG A 169 -11.04 15.02 20.46
C ARG A 169 -10.14 15.92 19.62
N GLY A 170 -9.07 15.38 19.06
CA GLY A 170 -8.20 16.18 18.23
C GLY A 170 -8.87 16.61 16.94
N MET A 171 -9.65 15.71 16.32
CA MET A 171 -10.36 16.06 15.09
C MET A 171 -11.36 17.18 15.35
N HIS A 172 -12.13 17.06 16.44
CA HIS A 172 -13.10 18.11 16.76
C HIS A 172 -12.42 19.41 17.13
N ALA A 173 -11.22 19.34 17.71
CA ALA A 173 -10.47 20.55 18.03
C ALA A 173 -10.10 21.32 16.77
N ALA A 174 -9.91 20.62 15.65
CA ALA A 174 -9.61 21.22 14.37
C ALA A 174 -10.87 21.56 13.57
N GLY A 175 -12.06 21.30 14.12
CA GLY A 175 -13.30 21.62 13.43
C GLY A 175 -13.74 20.60 12.42
N MET A 176 -13.33 19.34 12.56
CA MET A 176 -13.69 18.28 11.63
C MET A 176 -14.52 17.23 12.36
N ALA A 177 -15.60 16.80 11.72
CA ALA A 177 -16.44 15.75 12.28
C ALA A 177 -15.79 14.39 12.08
N ALA A 178 -16.03 13.48 13.02
CA ALA A 178 -15.44 12.16 13.00
C ALA A 178 -16.49 11.12 12.63
N THR A 179 -16.08 10.12 11.85
CA THR A 179 -16.94 9.02 11.46
C THR A 179 -16.26 7.70 11.84
N GLY A 180 -16.95 6.89 12.62
CA GLY A 180 -16.40 5.62 13.08
C GLY A 180 -16.66 4.50 12.09
N LYS A 181 -15.67 3.60 11.97
CA LYS A 181 -15.75 2.46 11.06
C LYS A 181 -15.23 1.20 11.76
N HIS A 182 -15.88 0.06 11.55
CA HIS A 182 -17.10 -0.07 10.74
C HIS A 182 -18.18 -0.80 11.54
N PHE A 183 -19.26 -0.09 11.84
CA PHE A 183 -20.34 -0.62 12.66
C PHE A 183 -20.91 -1.92 12.09
N PRO A 184 -21.14 -2.93 12.95
CA PRO A 184 -20.90 -2.93 14.40
C PRO A 184 -19.54 -3.50 14.79
N GLY A 185 -18.72 -3.85 13.81
CA GLY A 185 -17.43 -4.44 14.07
C GLY A 185 -16.93 -5.28 12.92
N HIS A 186 -15.70 -5.01 12.47
CA HIS A 186 -15.11 -5.72 11.35
C HIS A 186 -13.89 -6.55 11.76
N GLY A 187 -13.61 -6.64 13.06
CA GLY A 187 -12.38 -7.27 13.52
C GLY A 187 -12.37 -8.77 13.47
N TRP A 188 -13.55 -9.41 13.61
CA TRP A 188 -13.62 -10.86 13.61
C TRP A 188 -14.13 -11.44 12.30
N ALA A 189 -14.70 -10.62 11.42
CA ALA A 189 -15.22 -11.09 10.15
C ALA A 189 -14.06 -11.35 9.18
N GLU A 190 -13.91 -12.60 8.76
CA GLU A 190 -12.82 -13.00 7.89
C GLU A 190 -13.26 -13.11 6.44
N HIS A 194 -13.44 -13.83 -1.01
CA HIS A 194 -14.19 -13.28 -2.13
C HIS A 194 -15.26 -14.23 -2.65
N VAL A 195 -15.39 -15.38 -2.00
CA VAL A 195 -16.46 -16.32 -2.38
C VAL A 195 -17.82 -15.76 -2.00
N ALA A 196 -17.91 -15.16 -0.81
CA ALA A 196 -19.11 -14.47 -0.37
C ALA A 196 -18.68 -13.32 0.53
N ILE A 197 -19.64 -12.51 0.93
CA ILE A 197 -19.29 -11.42 1.86
C ILE A 197 -19.02 -12.01 3.23
N PRO A 198 -18.01 -11.53 3.95
CA PRO A 198 -17.64 -12.17 5.22
C PRO A 198 -18.78 -12.15 6.23
N GLU A 199 -18.77 -13.16 7.10
CA GLU A 199 -19.77 -13.32 8.13
C GLU A 199 -19.12 -13.28 9.50
N ASP A 200 -19.94 -13.02 10.52
CA ASP A 200 -19.51 -13.01 11.92
C ASP A 200 -20.62 -13.73 12.71
N ALA A 201 -20.52 -15.06 12.75
CA ALA A 201 -21.56 -15.89 13.36
C ALA A 201 -21.31 -15.98 14.87
N ARG A 202 -21.65 -14.90 15.56
CA ARG A 202 -21.58 -14.86 17.02
C ARG A 202 -22.89 -14.30 17.55
N SER A 203 -23.23 -14.70 18.78
CA SER A 203 -24.45 -14.22 19.41
C SER A 203 -24.38 -12.71 19.61
N LEU A 204 -25.55 -12.07 19.58
CA LEU A 204 -25.59 -10.64 19.84
C LEU A 204 -25.08 -10.33 21.24
N GLU A 205 -25.40 -11.18 22.21
CA GLU A 205 -24.86 -11.02 23.55
C GLU A 205 -23.34 -11.15 23.54
N GLU A 206 -22.79 -12.00 22.66
CA GLU A 206 -21.35 -12.16 22.57
C GLU A 206 -20.71 -11.04 21.74
N ILE A 207 -21.42 -10.53 20.74
CA ILE A 207 -20.89 -9.42 19.95
C ILE A 207 -20.87 -8.13 20.77
N ARG A 208 -21.91 -7.91 21.57
CA ARG A 208 -21.97 -6.70 22.39
C ARG A 208 -20.88 -6.66 23.45
N ARG A 209 -20.47 -7.83 23.96
CA ARG A 209 -19.42 -7.87 24.95
C ARG A 209 -18.04 -7.57 24.37
N SER A 210 -17.87 -7.71 23.05
CA SER A 210 -16.55 -7.54 22.44
C SER A 210 -16.51 -6.38 21.45
N ASP A 211 -16.90 -6.61 20.20
CA ASP A 211 -16.68 -5.62 19.14
C ASP A 211 -17.62 -4.42 19.20
N LEU A 212 -18.69 -4.48 20.00
CA LEU A 212 -19.68 -3.42 19.97
C LEU A 212 -19.40 -2.29 20.95
N VAL A 213 -18.68 -2.55 22.04
CA VAL A 213 -18.49 -1.55 23.09
C VAL A 213 -17.67 -0.33 22.63
N PRO A 214 -16.72 -0.41 21.70
CA PRO A 214 -16.12 0.84 21.22
C PRO A 214 -17.11 1.74 20.52
N PHE A 215 -18.09 1.17 19.81
CA PHE A 215 -19.15 1.98 19.23
C PHE A 215 -20.10 2.50 20.30
N ALA A 216 -20.26 1.76 21.41
CA ALA A 216 -21.14 2.19 22.48
C ALA A 216 -20.56 3.40 23.21
N ARG A 217 -19.29 3.30 23.64
CA ARG A 217 -18.68 4.40 24.39
C ARG A 217 -18.67 5.69 23.58
N LEU A 218 -18.33 5.60 22.30
CA LEU A 218 -18.18 6.76 21.44
C LEU A 218 -19.44 7.07 20.63
N ALA A 219 -20.58 6.51 21.03
CA ALA A 219 -21.82 6.76 20.29
C ALA A 219 -22.23 8.22 20.37
N GLY A 220 -22.16 8.81 21.56
CA GLY A 220 -22.50 10.21 21.73
C GLY A 220 -21.45 11.18 21.26
N GLN A 221 -20.23 10.71 21.00
CA GLN A 221 -19.13 11.56 20.57
C GLN A 221 -19.00 11.62 19.06
N LEU A 222 -19.18 10.48 18.38
CA LEU A 222 -19.05 10.43 16.93
C LEU A 222 -20.15 11.24 16.25
N ASP A 223 -19.78 11.90 15.15
CA ASP A 223 -20.75 12.60 14.33
C ASP A 223 -21.36 11.73 13.27
N ALA A 224 -20.68 10.66 12.86
CA ALA A 224 -21.17 9.77 11.81
C ALA A 224 -20.59 8.38 12.00
N LEU A 225 -21.11 7.45 11.22
CA LEU A 225 -20.70 6.06 11.27
C LEU A 225 -20.82 5.44 9.90
N MET A 226 -19.91 4.50 9.60
CA MET A 226 -19.97 3.72 8.39
C MET A 226 -20.22 2.27 8.76
N PRO A 227 -21.16 1.60 8.10
CA PRO A 227 -21.44 0.19 8.42
C PRO A 227 -20.44 -0.73 7.74
N ALA A 228 -20.30 -1.92 8.33
CA ALA A 228 -19.42 -2.94 7.78
C ALA A 228 -20.18 -3.79 6.76
N HIS A 229 -19.49 -4.16 5.68
CA HIS A 229 -20.05 -5.06 4.68
C HIS A 229 -19.88 -6.49 5.19
N VAL A 230 -20.63 -6.79 6.26
CA VAL A 230 -20.51 -8.05 6.99
C VAL A 230 -21.91 -8.48 7.41
N ILE A 231 -22.17 -9.78 7.33
CA ILE A 231 -23.43 -10.37 7.78
C ILE A 231 -23.22 -10.98 9.15
N TYR A 232 -24.17 -10.73 10.05
CA TYR A 232 -24.16 -11.29 11.41
C TYR A 232 -25.40 -12.16 11.53
N PRO A 233 -25.27 -13.47 11.29
CA PRO A 233 -26.47 -14.30 11.07
C PRO A 233 -27.42 -14.36 12.26
N GLN A 234 -26.91 -14.38 13.49
CA GLN A 234 -27.78 -14.47 14.66
C GLN A 234 -28.46 -13.16 15.01
N VAL A 235 -28.30 -12.11 14.19
CA VAL A 235 -28.93 -10.83 14.46
C VAL A 235 -29.82 -10.44 13.29
N ASP A 236 -29.23 -10.37 12.10
CA ASP A 236 -29.97 -10.00 10.89
C ASP A 236 -29.39 -10.75 9.70
N PRO A 237 -30.23 -11.26 8.80
CA PRO A 237 -29.71 -11.98 7.63
C PRO A 237 -29.07 -11.09 6.57
N GLN A 238 -29.10 -9.78 6.73
CA GLN A 238 -28.56 -8.84 5.77
C GLN A 238 -27.26 -8.22 6.29
N PRO A 239 -26.47 -7.60 5.42
CA PRO A 239 -25.34 -6.80 5.92
C PRO A 239 -25.83 -5.65 6.79
N ALA A 240 -24.92 -5.12 7.61
CA ALA A 240 -25.30 -4.06 8.53
C ALA A 240 -25.74 -2.81 7.79
N GLY A 241 -25.12 -2.51 6.65
CA GLY A 241 -25.47 -1.33 5.87
C GLY A 241 -26.88 -1.34 5.30
N PHE A 242 -27.59 -2.45 5.43
CA PHE A 242 -28.95 -2.56 4.93
C PHE A 242 -29.90 -3.14 5.97
N SER A 243 -29.41 -3.47 7.16
CA SER A 243 -30.25 -4.05 8.20
C SER A 243 -30.97 -2.94 8.96
N ARG A 244 -32.30 -2.95 8.89
CA ARG A 244 -33.08 -2.04 9.72
C ARG A 244 -32.87 -2.32 11.20
N ARG A 245 -32.57 -3.57 11.56
CA ARG A 245 -32.36 -3.90 12.96
C ARG A 245 -31.02 -3.37 13.47
N TRP A 246 -29.96 -3.51 12.67
CA TRP A 246 -28.66 -3.00 13.11
C TRP A 246 -28.67 -1.48 13.21
N LEU A 247 -29.34 -0.81 12.27
CA LEU A 247 -29.29 0.65 12.20
C LEU A 247 -30.40 1.31 13.01
N GLN A 248 -31.66 0.89 12.79
CA GLN A 248 -32.78 1.56 13.45
C GLN A 248 -33.04 1.02 14.86
N GLU A 249 -32.84 -0.29 15.07
CA GLU A 249 -33.28 -0.90 16.32
C GLU A 249 -32.25 -0.75 17.44
N ILE A 250 -30.97 -0.98 17.15
CA ILE A 250 -29.96 -0.93 18.19
C ILE A 250 -29.01 0.25 18.07
N LEU A 251 -28.71 0.73 16.86
CA LEU A 251 -27.79 1.85 16.73
C LEU A 251 -28.43 3.15 17.20
N ARG A 252 -29.63 3.45 16.70
CA ARG A 252 -30.31 4.68 17.06
C ARG A 252 -31.12 4.54 18.34
N GLY A 253 -31.65 3.36 18.62
CA GLY A 253 -32.48 3.18 19.79
C GLY A 253 -31.68 2.78 21.03
N GLU A 254 -30.92 1.69 20.92
CA GLU A 254 -30.16 1.21 22.06
C GLU A 254 -28.96 2.10 22.35
N LEU A 255 -28.11 2.33 21.34
CA LEU A 255 -26.93 3.16 21.52
C LEU A 255 -27.25 4.66 21.55
N LYS A 256 -28.46 5.06 21.14
CA LYS A 256 -28.87 6.46 21.09
C LYS A 256 -27.88 7.28 20.27
N PHE A 257 -27.65 6.85 19.03
CA PHE A 257 -26.78 7.56 18.11
C PHE A 257 -27.62 8.50 17.27
N ASP A 258 -27.43 9.80 17.46
CA ASP A 258 -28.19 10.81 16.75
C ASP A 258 -27.32 11.53 15.72
N GLY A 259 -26.60 10.76 14.90
CA GLY A 259 -25.69 11.36 13.94
C GLY A 259 -26.01 10.98 12.51
N VAL A 260 -25.00 11.01 11.65
CA VAL A 260 -25.15 10.68 10.23
C VAL A 260 -24.77 9.22 10.04
N ILE A 261 -25.62 8.46 9.36
CA ILE A 261 -25.33 7.08 9.02
C ILE A 261 -24.93 7.06 7.55
N PHE A 262 -23.63 6.95 7.27
CA PHE A 262 -23.18 6.67 5.93
C PHE A 262 -23.48 5.21 5.59
N SER A 263 -23.13 4.79 4.38
CA SER A 263 -23.32 3.42 3.96
C SER A 263 -21.99 2.86 3.45
N ASP A 264 -21.96 1.54 3.30
CA ASP A 264 -20.82 0.91 2.64
C ASP A 264 -20.84 1.25 1.15
N ASP A 265 -19.78 0.84 0.46
CA ASP A 265 -19.67 1.09 -0.98
C ASP A 265 -20.75 0.30 -1.71
N LEU A 266 -21.78 1.00 -2.21
CA LEU A 266 -22.86 0.32 -2.90
C LEU A 266 -22.48 -0.18 -4.28
N SER A 267 -21.30 0.18 -4.77
CA SER A 267 -20.72 -0.35 -6.00
C SER A 267 -19.40 -1.06 -5.70
N MET A 268 -19.37 -1.79 -4.58
CA MET A 268 -18.14 -2.42 -4.13
C MET A 268 -17.70 -3.53 -5.09
N ALA A 269 -16.40 -3.59 -5.33
CA ALA A 269 -15.84 -4.61 -6.22
C ALA A 269 -15.92 -5.97 -5.55
N GLY A 270 -16.69 -6.87 -6.13
CA GLY A 270 -16.87 -8.20 -5.58
C GLY A 270 -17.94 -8.29 -4.52
N ALA A 271 -18.81 -7.29 -4.43
CA ALA A 271 -19.90 -7.33 -3.45
C ALA A 271 -20.92 -8.38 -3.85
N HIS A 272 -21.57 -8.96 -2.85
CA HIS A 272 -22.60 -9.97 -3.06
C HIS A 272 -23.96 -9.39 -2.70
N VAL A 273 -24.39 -8.42 -3.53
CA VAL A 273 -25.68 -7.76 -3.39
C VAL A 273 -26.35 -7.72 -4.77
N VAL A 274 -27.31 -8.61 -4.99
CA VAL A 274 -27.92 -8.70 -6.32
C VAL A 274 -28.81 -7.50 -6.57
N GLY A 275 -28.78 -7.00 -7.80
CA GLY A 275 -29.52 -5.82 -8.20
C GLY A 275 -28.59 -4.69 -8.63
N ASP A 276 -29.22 -3.64 -9.11
CA ASP A 276 -28.48 -2.46 -9.57
C ASP A 276 -28.31 -1.47 -8.42
N ALA A 277 -27.53 -0.42 -8.68
CA ALA A 277 -27.29 0.59 -7.66
C ALA A 277 -28.56 1.34 -7.28
N ALA A 278 -29.58 1.33 -8.15
CA ALA A 278 -30.83 2.02 -7.83
C ALA A 278 -31.54 1.34 -6.67
N SER A 279 -31.47 0.02 -6.57
CA SER A 279 -32.10 -0.69 -5.48
C SER A 279 -31.22 -0.76 -4.24
N ARG A 280 -29.89 -0.76 -4.42
CA ARG A 280 -28.99 -0.81 -3.27
C ARG A 280 -29.11 0.45 -2.43
N ILE A 281 -29.28 1.61 -3.06
CA ILE A 281 -29.37 2.85 -2.31
C ILE A 281 -30.74 3.00 -1.66
N GLU A 282 -31.80 2.50 -2.31
CA GLU A 282 -33.12 2.52 -1.69
C GLU A 282 -33.16 1.64 -0.45
N ALA A 283 -32.50 0.48 -0.49
CA ALA A 283 -32.47 -0.40 0.67
C ALA A 283 -31.69 0.22 1.82
N ALA A 284 -30.61 0.95 1.51
CA ALA A 284 -29.83 1.60 2.55
C ALA A 284 -30.61 2.73 3.21
N LEU A 285 -31.30 3.55 2.41
CA LEU A 285 -32.07 4.65 2.98
C LEU A 285 -33.21 4.14 3.84
N ALA A 286 -33.86 3.05 3.42
CA ALA A 286 -34.94 2.48 4.22
C ALA A 286 -34.40 1.89 5.52
N ALA A 287 -33.16 1.40 5.52
CA ALA A 287 -32.58 0.84 6.73
C ALA A 287 -32.18 1.92 7.73
N GLY A 288 -31.99 3.15 7.29
CA GLY A 288 -31.64 4.23 8.19
C GLY A 288 -30.48 5.09 7.71
N CYS A 289 -29.84 4.69 6.62
CA CYS A 289 -28.73 5.46 6.08
C CYS A 289 -29.23 6.82 5.57
N ASP A 290 -28.36 7.82 5.71
CA ASP A 290 -28.67 9.17 5.25
C ASP A 290 -28.03 9.50 3.91
N MET A 291 -26.86 8.93 3.62
CA MET A 291 -26.14 9.18 2.39
C MET A 291 -25.59 7.87 1.85
N GLY A 292 -25.64 7.70 0.54
CA GLY A 292 -25.22 6.47 -0.11
C GLY A 292 -23.95 6.69 -0.93
N LEU A 293 -23.02 5.75 -0.82
CA LEU A 293 -21.72 5.84 -1.47
C LEU A 293 -21.67 4.93 -2.69
N VAL A 294 -21.28 5.49 -3.83
CA VAL A 294 -21.02 4.73 -5.05
C VAL A 294 -19.66 5.17 -5.57
N CYS A 295 -18.65 4.32 -5.36
CA CYS A 295 -17.26 4.66 -5.66
C CYS A 295 -16.75 3.87 -6.86
N ASN A 296 -15.92 4.52 -7.68
CA ASN A 296 -15.21 3.87 -8.77
C ASN A 296 -16.16 3.23 -9.77
N ASP A 297 -17.36 3.80 -9.94
CA ASP A 297 -18.34 3.27 -10.88
C ASP A 297 -19.28 4.41 -11.25
N ARG A 298 -19.01 5.07 -12.37
CA ARG A 298 -19.80 6.23 -12.77
C ARG A 298 -21.21 5.84 -13.16
N ALA A 299 -21.34 4.77 -13.96
CA ALA A 299 -22.67 4.37 -14.45
C ALA A 299 -23.61 4.03 -13.30
N SER A 300 -23.08 3.49 -12.21
CA SER A 300 -23.92 3.19 -11.05
C SER A 300 -24.34 4.46 -10.32
N ALA A 301 -23.51 5.51 -10.39
CA ALA A 301 -23.87 6.76 -9.74
C ALA A 301 -25.07 7.40 -10.43
N GLU A 302 -25.13 7.34 -11.76
CA GLU A 302 -26.28 7.87 -12.47
C GLU A 302 -27.54 7.07 -12.18
N LEU A 303 -27.40 5.75 -12.03
CA LEU A 303 -28.54 4.91 -11.69
C LEU A 303 -29.11 5.27 -10.32
N ALA A 304 -28.23 5.37 -9.32
CA ALA A 304 -28.68 5.73 -7.97
C ALA A 304 -29.19 7.16 -7.92
N LEU A 305 -28.61 8.06 -8.70
CA LEU A 305 -29.12 9.42 -8.78
C LEU A 305 -30.52 9.44 -9.37
N ALA A 306 -30.75 8.66 -10.43
CA ALA A 306 -32.08 8.59 -11.05
C ALA A 306 -33.11 8.03 -10.08
N ALA A 307 -32.72 7.07 -9.24
CA ALA A 307 -33.64 6.53 -8.26
C ALA A 307 -34.00 7.56 -7.20
N LEU A 308 -33.02 8.31 -6.72
CA LEU A 308 -33.28 9.35 -5.73
C LEU A 308 -34.14 10.47 -6.30
N GLN A 309 -34.00 10.77 -7.59
CA GLN A 309 -34.82 11.81 -8.20
C GLN A 309 -36.27 11.36 -8.30
N ARG A 310 -36.51 10.12 -8.69
CA ARG A 310 -37.88 9.61 -8.78
C ARG A 310 -38.49 9.34 -7.41
N LEU A 311 -37.66 9.21 -6.38
CA LEU A 311 -38.16 9.12 -5.01
C LEU A 311 -38.40 10.49 -4.40
N LYS A 312 -37.93 11.56 -5.03
CA LYS A 312 -38.12 12.94 -4.57
C LYS A 312 -37.63 13.10 -3.13
N VAL A 313 -36.33 12.89 -2.96
CA VAL A 313 -35.72 12.93 -1.64
C VAL A 313 -35.12 14.30 -1.39
N THR A 314 -35.08 14.69 -0.12
CA THR A 314 -34.41 15.90 0.33
C THR A 314 -33.30 15.53 1.30
N PRO A 315 -32.23 16.31 1.36
CA PRO A 315 -31.09 15.96 2.22
C PRO A 315 -31.51 15.92 3.68
N PRO A 316 -31.02 14.94 4.44
CA PRO A 316 -31.36 14.88 5.86
C PRO A 316 -30.78 16.07 6.62
N SER A 317 -31.49 16.45 7.69
CA SER A 317 -31.06 17.61 8.48
C SER A 317 -29.73 17.36 9.18
N ARG A 318 -29.38 16.11 9.44
CA ARG A 318 -28.09 15.81 10.09
C ARG A 318 -26.91 16.09 9.18
N LEU A 319 -27.13 16.19 7.86
CA LEU A 319 -26.01 16.16 6.92
C LEU A 319 -25.14 17.41 7.05
N GLN A 320 -25.69 18.52 7.50
CA GLN A 320 -24.90 19.75 7.59
C GLN A 320 -23.93 19.75 8.77
N ARG A 321 -24.17 18.92 9.78
CA ARG A 321 -23.24 18.83 10.92
C ARG A 321 -21.88 18.26 10.53
N MET A 322 -21.73 17.78 9.29
CA MET A 322 -20.49 17.20 8.82
C MET A 322 -19.58 18.21 8.11
N ARG A 323 -20.09 19.39 7.78
CA ARG A 323 -19.27 20.41 7.14
C ARG A 323 -18.08 20.77 8.02
N GLY A 324 -16.89 20.73 7.43
CA GLY A 324 -15.69 21.06 8.17
C GLY A 324 -15.66 22.53 8.55
N LYS A 325 -15.47 22.80 9.83
CA LYS A 325 -15.38 24.17 10.33
C LYS A 325 -14.06 24.84 10.02
N GLY A 326 -13.10 24.12 9.42
CA GLY A 326 -11.89 24.74 8.94
C GLY A 326 -11.98 25.15 7.48
N TYR A 327 -11.00 25.94 7.05
CA TYR A 327 -10.97 26.48 5.70
C TYR A 327 -9.63 26.17 5.05
N ALA A 328 -9.63 26.23 3.71
CA ALA A 328 -8.40 26.02 2.96
C ALA A 328 -7.39 27.11 3.30
N ASN A 329 -6.32 26.72 3.98
CA ASN A 329 -5.36 27.67 4.54
C ASN A 329 -3.95 27.32 4.08
N THR A 330 -3.25 28.31 3.55
CA THR A 330 -1.89 28.11 3.06
C THR A 330 -0.85 28.18 4.17
N ASP A 331 -1.16 28.81 5.29
CA ASP A 331 -0.22 29.02 6.38
C ASP A 331 -0.61 28.25 7.64
N TYR A 332 -1.16 27.05 7.48
CA TYR A 332 -1.55 26.24 8.62
C TYR A 332 -0.36 25.71 9.40
N ARG A 333 0.85 25.86 8.88
CA ARG A 333 2.06 25.48 9.60
C ARG A 333 2.54 26.56 10.56
N GLN A 334 1.82 27.69 10.63
CA GLN A 334 2.22 28.84 11.42
C GLN A 334 1.67 28.80 12.84
N GLN A 335 0.46 28.27 13.03
CA GLN A 335 -0.14 28.24 14.36
C GLN A 335 0.73 27.44 15.32
N PRO A 336 0.77 27.83 16.60
CA PRO A 336 1.69 27.18 17.54
C PRO A 336 1.45 25.69 17.72
N ARG A 337 0.19 25.26 17.84
CA ARG A 337 -0.07 23.84 18.11
C ARG A 337 0.51 22.93 17.04
N TRP A 338 0.57 23.39 15.79
CA TRP A 338 1.22 22.59 14.75
C TRP A 338 2.67 22.31 15.10
N LEU A 339 3.35 23.24 15.78
CA LEU A 339 4.72 22.98 16.22
C LEU A 339 4.75 22.02 17.39
N GLU A 340 3.87 22.21 18.37
CA GLU A 340 3.87 21.34 19.55
C GLU A 340 3.41 19.92 19.19
N ALA A 341 2.39 19.80 18.34
CA ALA A 341 1.92 18.48 17.95
C ALA A 341 2.95 17.75 17.11
N LEU A 342 3.57 18.45 16.15
CA LEU A 342 4.57 17.81 15.31
C LEU A 342 5.77 17.35 16.13
N SER A 343 6.19 18.16 17.10
CA SER A 343 7.35 17.80 17.91
C SER A 343 7.00 16.67 18.87
N ALA A 344 5.78 16.65 19.39
CA ALA A 344 5.39 15.61 20.33
C ALA A 344 5.24 14.25 19.65
N LEU A 345 4.85 14.24 18.37
CA LEU A 345 4.68 12.97 17.67
C LEU A 345 6.01 12.35 17.29
N ARG A 346 6.95 13.16 16.78
CA ARG A 346 8.27 12.63 16.46
C ARG A 346 9.15 12.46 17.69
N ALA A 347 8.75 13.00 18.84
CA ALA A 347 9.43 12.70 20.09
C ALA A 347 9.25 11.23 20.47
N ALA A 348 8.13 10.64 20.07
CA ALA A 348 7.88 9.22 20.23
C ALA A 348 8.18 8.44 18.95
N GLN A 349 8.87 9.07 17.99
CA GLN A 349 9.29 8.44 16.74
C GLN A 349 8.09 7.94 15.95
N LEU A 350 7.27 8.90 15.51
CA LEU A 350 6.09 8.63 14.71
C LEU A 350 6.06 9.40 13.39
N ILE A 351 6.62 10.60 13.34
CA ILE A 351 6.71 11.38 12.12
C ILE A 351 8.09 11.14 11.51
N ASP A 352 8.11 10.81 10.22
CA ASP A 352 9.35 10.49 9.53
C ASP A 352 10.28 11.70 9.44
N HIS B 20 27.69 -32.44 -7.71
CA HIS B 20 28.60 -31.31 -7.63
C HIS B 20 28.24 -30.22 -8.64
N MET B 21 27.68 -29.12 -8.15
CA MET B 21 27.31 -27.98 -8.99
C MET B 21 27.32 -26.73 -8.12
N GLN B 22 26.89 -25.60 -8.69
CA GLN B 22 26.87 -24.33 -8.01
C GLN B 22 25.44 -23.91 -7.71
N GLY B 23 25.28 -23.11 -6.66
CA GLY B 23 23.99 -22.64 -6.24
C GLY B 23 24.02 -22.10 -4.83
N SER B 24 22.97 -21.36 -4.49
CA SER B 24 22.86 -20.74 -3.18
C SER B 24 21.40 -20.47 -2.90
N LEU B 25 21.11 -20.09 -1.65
CA LEU B 25 19.75 -19.90 -1.18
C LEU B 25 19.61 -18.55 -0.50
N MET B 26 18.48 -17.89 -0.72
CA MET B 26 18.13 -16.64 -0.06
C MET B 26 16.79 -16.78 0.65
N LEU B 27 16.79 -16.60 1.97
CA LEU B 27 15.59 -16.79 2.75
C LEU B 27 15.23 -15.54 3.56
N ASP B 28 14.35 -15.69 4.54
CA ASP B 28 13.89 -14.56 5.34
C ASP B 28 13.66 -15.04 6.77
N ILE B 29 13.42 -14.07 7.66
CA ILE B 29 13.16 -14.37 9.06
C ILE B 29 11.72 -13.99 9.38
N GLY B 30 11.33 -14.13 10.64
CA GLY B 30 9.95 -13.87 11.01
C GLY B 30 9.75 -12.54 11.70
N GLY B 31 10.52 -12.29 12.76
CA GLY B 31 10.38 -11.09 13.57
C GLY B 31 11.37 -10.00 13.21
N THR B 32 11.58 -9.09 14.17
CA THR B 32 12.49 -7.98 13.97
C THR B 32 13.90 -8.26 14.47
N TRP B 33 14.06 -9.18 15.42
CA TRP B 33 15.39 -9.65 15.83
C TRP B 33 15.49 -11.14 15.53
N LEU B 34 16.73 -11.63 15.49
CA LEU B 34 16.96 -13.03 15.16
C LEU B 34 16.46 -13.94 16.26
N THR B 35 15.69 -14.96 15.89
CA THR B 35 15.31 -15.97 16.84
C THR B 35 16.43 -17.00 16.96
N ALA B 36 16.26 -17.95 17.89
CA ALA B 36 17.29 -18.95 18.12
C ALA B 36 17.56 -19.76 16.86
N GLU B 37 16.51 -20.28 16.23
CA GLU B 37 16.68 -21.11 15.04
C GLU B 37 17.08 -20.29 13.82
N ASP B 38 16.76 -18.99 13.80
CA ASP B 38 17.24 -18.12 12.74
C ASP B 38 18.77 -18.10 12.71
N ARG B 39 19.39 -17.97 13.87
CA ARG B 39 20.85 -17.96 13.95
C ARG B 39 21.43 -19.29 13.47
N GLN B 40 20.76 -20.40 13.81
CA GLN B 40 21.28 -21.71 13.43
C GLN B 40 21.17 -21.95 11.93
N ILE B 41 20.03 -21.59 11.33
CA ILE B 41 19.84 -21.84 9.91
C ILE B 41 20.73 -20.94 9.06
N LEU B 42 21.12 -19.78 9.58
CA LEU B 42 21.98 -18.88 8.83
C LEU B 42 23.42 -19.39 8.73
N ARG B 43 23.84 -20.24 9.67
CA ARG B 43 25.24 -20.68 9.69
C ARG B 43 25.58 -21.60 8.53
N HIS B 44 24.58 -22.14 7.83
CA HIS B 44 24.88 -23.07 6.74
C HIS B 44 25.37 -22.30 5.52
N PRO B 45 26.49 -22.71 4.91
CA PRO B 45 27.04 -21.95 3.78
C PRO B 45 26.15 -21.95 2.55
N GLU B 46 25.29 -22.96 2.39
CA GLU B 46 24.38 -22.97 1.24
C GLU B 46 23.42 -21.80 1.28
N VAL B 47 23.15 -21.25 2.46
CA VAL B 47 22.37 -20.03 2.59
C VAL B 47 23.29 -18.87 2.19
N GLY B 48 22.95 -18.20 1.09
CA GLY B 48 23.82 -17.16 0.59
C GLY B 48 23.28 -15.77 0.73
N GLY B 49 22.00 -15.65 1.10
CA GLY B 49 21.39 -14.33 1.19
C GLY B 49 20.20 -14.33 2.13
N LEU B 50 19.75 -13.11 2.42
CA LEU B 50 18.58 -12.89 3.28
C LEU B 50 17.88 -11.62 2.81
N ILE B 51 16.55 -11.70 2.72
CA ILE B 51 15.72 -10.60 2.27
C ILE B 51 14.73 -10.25 3.38
N ILE B 52 14.51 -8.96 3.60
CA ILE B 52 13.66 -8.50 4.69
C ILE B 52 12.41 -7.87 4.11
N PHE B 53 11.34 -7.88 4.91
CA PHE B 53 10.07 -7.30 4.51
C PHE B 53 9.58 -6.32 5.58
N ALA B 54 8.33 -5.87 5.46
CA ALA B 54 7.81 -4.88 6.40
C ALA B 54 7.73 -5.43 7.83
N ARG B 55 7.44 -6.72 7.98
CA ARG B 55 7.34 -7.31 9.31
C ARG B 55 8.68 -7.32 10.04
N ASN B 56 9.78 -7.12 9.32
CA ASN B 56 11.10 -7.06 9.92
C ASN B 56 11.56 -5.63 10.20
N ILE B 57 10.82 -4.64 9.72
CA ILE B 57 11.23 -3.25 9.78
C ILE B 57 10.34 -2.49 10.76
N GLU B 58 10.95 -1.63 11.57
CA GLU B 58 10.20 -0.73 12.42
C GLU B 58 10.87 0.64 12.46
N HIS B 59 12.17 0.68 12.66
CA HIS B 59 12.94 1.92 12.73
C HIS B 59 14.25 1.74 12.00
N PRO B 60 14.90 2.84 11.60
CA PRO B 60 16.21 2.72 10.94
C PRO B 60 17.30 2.17 11.86
N ALA B 61 17.34 2.61 13.12
CA ALA B 61 18.35 2.07 14.03
C ALA B 61 18.11 0.60 14.34
N GLN B 62 16.87 0.13 14.22
CA GLN B 62 16.58 -1.28 14.45
C GLN B 62 17.05 -2.14 13.29
N VAL B 63 16.66 -1.76 12.06
CA VAL B 63 17.08 -2.53 10.89
C VAL B 63 18.60 -2.49 10.74
N ARG B 64 19.23 -1.44 11.28
CA ARG B 64 20.69 -1.37 11.26
C ARG B 64 21.30 -2.42 12.19
N GLU B 65 20.75 -2.54 13.41
CA GLU B 65 21.23 -3.56 14.34
C GLU B 65 20.87 -4.96 13.85
N LEU B 66 19.74 -5.11 13.18
CA LEU B 66 19.36 -6.40 12.62
C LEU B 66 20.41 -6.91 11.65
N CYS B 67 20.89 -6.02 10.77
CA CYS B 67 21.93 -6.41 9.83
C CYS B 67 23.24 -6.69 10.56
N ALA B 68 23.63 -5.84 11.51
CA ALA B 68 24.84 -6.07 12.27
C ALA B 68 24.77 -7.37 13.05
N ALA B 69 23.59 -7.70 13.59
CA ALA B 69 23.41 -8.98 14.27
C ALA B 69 23.65 -10.14 13.32
N ILE B 70 23.27 -9.98 12.04
CA ILE B 70 23.46 -11.06 11.07
C ILE B 70 24.93 -11.17 10.67
N ARG B 71 25.61 -10.04 10.48
CA ARG B 71 27.00 -10.07 10.08
C ARG B 71 27.88 -10.75 11.12
N ALA B 72 27.48 -10.68 12.40
CA ALA B 72 28.23 -11.40 13.43
C ALA B 72 28.23 -12.90 13.19
N ILE B 73 27.19 -13.42 12.52
CA ILE B 73 27.11 -14.83 12.18
C ILE B 73 27.76 -15.12 10.83
N ARG B 74 27.34 -14.40 9.79
CA ARG B 74 27.85 -14.61 8.43
C ARG B 74 28.31 -13.28 7.87
N PRO B 75 29.62 -12.96 7.96
CA PRO B 75 30.12 -11.70 7.40
C PRO B 75 29.99 -11.61 5.88
N ASP B 76 29.66 -12.71 5.20
CA ASP B 76 29.62 -12.76 3.75
C ASP B 76 28.21 -12.76 3.20
N LEU B 77 27.19 -12.79 4.05
CA LEU B 77 25.82 -12.97 3.58
C LEU B 77 25.35 -11.75 2.82
N LEU B 78 24.42 -11.98 1.89
CA LEU B 78 23.81 -10.93 1.09
C LEU B 78 22.50 -10.50 1.72
N LEU B 79 22.35 -9.19 1.92
CA LEU B 79 21.18 -8.63 2.57
C LEU B 79 20.47 -7.71 1.58
N ALA B 80 19.22 -8.04 1.26
CA ALA B 80 18.45 -7.33 0.24
C ALA B 80 17.12 -6.86 0.82
N VAL B 81 16.43 -6.03 0.05
CA VAL B 81 15.17 -5.44 0.48
C VAL B 81 14.48 -4.90 -0.77
N ASP B 82 13.17 -4.67 -0.67
CA ASP B 82 12.36 -4.14 -1.77
C ASP B 82 12.15 -2.64 -1.57
N GLN B 83 13.01 -1.83 -2.20
CA GLN B 83 13.00 -0.38 -2.06
C GLN B 83 13.03 0.23 -3.46
N GLU B 84 11.85 0.45 -4.05
CA GLU B 84 11.74 1.09 -5.35
C GLU B 84 11.15 2.49 -5.28
N GLY B 85 10.11 2.70 -4.49
CA GLY B 85 9.51 4.01 -4.36
C GLY B 85 8.03 4.00 -4.69
N GLY B 86 7.23 4.70 -3.89
CA GLY B 86 5.81 4.79 -4.13
C GLY B 86 5.00 3.98 -3.12
N ARG B 87 4.72 2.72 -3.45
CA ARG B 87 3.97 1.82 -2.58
C ARG B 87 4.80 0.65 -2.08
N VAL B 88 5.64 0.08 -2.94
CA VAL B 88 6.42 -1.10 -2.57
C VAL B 88 7.51 -0.79 -1.56
N GLN B 89 7.83 0.51 -1.38
CA GLN B 89 8.84 0.94 -0.43
C GLN B 89 8.62 0.36 0.96
N ARG B 90 9.45 -0.63 1.34
CA ARG B 90 9.29 -1.29 2.64
C ARG B 90 9.88 -0.46 3.77
N LEU B 91 10.92 0.32 3.51
CA LEU B 91 11.59 1.12 4.52
C LEU B 91 10.97 2.51 4.54
N ARG B 92 10.18 2.82 5.56
CA ARG B 92 9.44 4.08 5.55
C ARG B 92 9.68 4.89 6.81
N GLN B 93 9.38 4.34 7.99
CA GLN B 93 9.48 5.11 9.22
C GLN B 93 10.91 5.56 9.45
N GLY B 94 11.17 6.85 9.26
CA GLY B 94 12.51 7.40 9.36
C GLY B 94 13.26 7.46 8.05
N PHE B 95 12.59 7.21 6.93
CA PHE B 95 13.20 7.22 5.61
C PHE B 95 12.50 8.26 4.76
N VAL B 96 13.21 8.78 3.77
CA VAL B 96 12.59 9.74 2.86
C VAL B 96 11.65 8.99 1.92
N ARG B 97 10.47 9.56 1.69
CA ARG B 97 9.48 8.94 0.84
C ARG B 97 9.81 9.25 -0.62
N LEU B 98 10.18 8.24 -1.36
CA LEU B 98 10.53 8.34 -2.76
C LEU B 98 9.27 8.25 -3.62
N PRO B 99 9.18 9.05 -4.67
CA PRO B 99 7.98 9.03 -5.51
C PRO B 99 7.92 7.78 -6.38
N ALA B 100 6.72 7.50 -6.88
CA ALA B 100 6.55 6.42 -7.83
C ALA B 100 7.38 6.70 -9.07
N MET B 101 7.91 5.63 -9.67
CA MET B 101 8.82 5.80 -10.80
C MET B 101 8.14 6.44 -11.99
N ARG B 102 6.82 6.29 -12.12
CA ARG B 102 6.10 6.96 -13.20
C ARG B 102 6.10 8.47 -13.02
N ALA B 103 6.06 8.94 -11.76
CA ALA B 103 6.06 10.37 -11.50
C ALA B 103 7.39 11.03 -11.89
N ILE B 104 8.48 10.26 -11.91
CA ILE B 104 9.75 10.83 -12.34
C ILE B 104 9.74 11.09 -13.84
N ALA B 105 9.04 10.24 -14.61
CA ALA B 105 9.06 10.37 -16.05
C ALA B 105 8.37 11.65 -16.51
N ASP B 106 7.25 12.01 -15.86
CA ASP B 106 6.47 13.17 -16.29
C ASP B 106 7.10 14.46 -15.78
N ASN B 107 8.38 14.67 -16.10
CA ASN B 107 9.10 15.88 -15.71
C ASN B 107 10.21 16.11 -16.73
N PRO B 108 10.52 17.37 -17.05
CA PRO B 108 11.70 17.63 -17.88
C PRO B 108 12.97 17.33 -17.12
N ASN B 109 14.03 17.02 -17.86
CA ASN B 109 15.35 16.74 -17.29
C ASN B 109 15.26 15.59 -16.28
N ALA B 110 14.45 14.58 -16.62
CA ALA B 110 14.17 13.47 -15.73
C ALA B 110 15.32 12.48 -15.63
N GLU B 111 16.25 12.51 -16.59
CA GLU B 111 17.35 11.56 -16.57
C GLU B 111 18.22 11.74 -15.32
N GLU B 112 18.71 12.96 -15.11
CA GLU B 112 19.46 13.22 -13.88
C GLU B 112 18.53 13.25 -12.67
N LEU B 113 17.27 13.60 -12.87
CA LEU B 113 16.29 13.53 -11.79
C LEU B 113 16.11 12.08 -11.33
N ALA B 114 16.10 11.14 -12.28
CA ALA B 114 16.08 9.72 -11.92
C ALA B 114 17.43 9.27 -11.38
N GLU B 115 18.51 9.91 -11.81
CA GLU B 115 19.83 9.55 -11.31
C GLU B 115 19.98 9.90 -9.83
N HIS B 116 19.51 11.09 -9.43
CA HIS B 116 19.52 11.44 -8.02
C HIS B 116 18.63 10.51 -7.20
N CYS B 117 17.53 10.04 -7.79
CA CYS B 117 16.62 9.16 -7.06
C CYS B 117 17.26 7.81 -6.78
N GLY B 118 17.99 7.26 -7.75
CA GLY B 118 18.67 5.99 -7.51
C GLY B 118 19.81 6.11 -6.52
N TRP B 119 20.59 7.19 -6.60
CA TRP B 119 21.68 7.40 -5.67
C TRP B 119 21.16 7.59 -4.24
N LEU B 120 20.12 8.40 -4.09
CA LEU B 120 19.60 8.70 -2.75
C LEU B 120 18.94 7.48 -2.13
N MET B 121 18.30 6.64 -2.94
CA MET B 121 17.70 5.42 -2.43
C MET B 121 18.76 4.44 -1.96
N ALA B 122 19.82 4.25 -2.76
CA ALA B 122 20.85 3.28 -2.43
C ALA B 122 21.65 3.71 -1.21
N THR B 123 21.99 5.00 -1.12
CA THR B 123 22.74 5.47 0.04
C THR B 123 21.95 5.27 1.33
N GLU B 124 20.63 5.42 1.28
CA GLU B 124 19.85 5.28 2.51
C GLU B 124 19.71 3.82 2.95
N VAL B 125 19.50 2.91 2.00
CA VAL B 125 19.37 1.49 2.36
C VAL B 125 20.73 0.88 2.71
N GLN B 126 21.82 1.43 2.18
CA GLN B 126 23.13 0.97 2.60
C GLN B 126 23.53 1.55 3.95
N ALA B 127 23.00 2.73 4.30
CA ALA B 127 23.31 3.36 5.58
C ALA B 127 22.71 2.60 6.74
N VAL B 128 21.77 1.70 6.50
CA VAL B 128 21.13 0.91 7.54
C VAL B 128 21.60 -0.55 7.52
N GLY B 129 22.68 -0.84 6.79
CA GLY B 129 23.31 -2.13 6.84
C GLY B 129 22.98 -3.08 5.70
N LEU B 130 22.05 -2.71 4.82
CA LEU B 130 21.66 -3.61 3.75
C LEU B 130 22.60 -3.47 2.56
N ASP B 131 22.80 -4.59 1.87
CA ASP B 131 23.70 -4.61 0.72
C ASP B 131 23.00 -4.16 -0.55
N LEU B 132 21.75 -4.56 -0.74
CA LEU B 132 21.14 -4.58 -2.06
C LEU B 132 19.68 -4.18 -1.98
N SER B 133 19.18 -3.59 -3.07
CA SER B 133 17.76 -3.36 -3.29
C SER B 133 17.39 -3.90 -4.65
N PHE B 134 16.27 -4.63 -4.73
CA PHE B 134 15.82 -5.21 -5.99
C PHE B 134 15.16 -4.11 -6.83
N ALA B 135 16.01 -3.39 -7.55
CA ALA B 135 15.59 -2.23 -8.33
C ALA B 135 16.57 -2.01 -9.48
N PRO B 136 16.12 -1.40 -10.59
CA PRO B 136 14.76 -0.89 -10.82
C PRO B 136 13.89 -1.88 -11.59
N VAL B 137 12.59 -1.61 -11.62
CA VAL B 137 11.66 -2.40 -12.42
C VAL B 137 11.80 -1.99 -13.88
N LEU B 138 11.93 -2.98 -14.76
CA LEU B 138 12.05 -2.75 -16.19
C LEU B 138 10.79 -3.10 -16.97
N ASP B 139 9.71 -3.43 -16.28
CA ASP B 139 8.46 -3.78 -16.96
C ASP B 139 7.90 -2.57 -17.70
N LEU B 140 7.10 -2.85 -18.72
CA LEU B 140 6.47 -1.80 -19.52
C LEU B 140 5.05 -1.58 -19.01
N ASP B 141 4.72 -0.31 -18.76
CA ASP B 141 3.43 0.04 -18.17
C ASP B 141 2.37 0.12 -19.25
N HIS B 142 1.94 -1.05 -19.72
CA HIS B 142 0.68 -1.15 -20.44
C HIS B 142 -0.43 -1.26 -19.41
N GLN B 143 -1.58 -0.65 -19.71
CA GLN B 143 -2.69 -0.68 -18.76
C GLN B 143 -3.42 -2.02 -18.81
N ARG B 144 -2.69 -3.09 -19.14
CA ARG B 144 -3.20 -4.45 -19.11
C ARG B 144 -2.82 -5.20 -17.84
N SER B 145 -1.65 -4.93 -17.28
CA SER B 145 -1.17 -5.59 -16.08
C SER B 145 -1.26 -4.63 -14.90
N ALA B 146 -1.94 -5.06 -13.83
CA ALA B 146 -2.15 -4.22 -12.67
C ALA B 146 -1.05 -4.34 -11.63
N VAL B 147 -0.35 -5.47 -11.57
CA VAL B 147 0.69 -5.66 -10.56
C VAL B 147 1.91 -4.79 -10.84
N VAL B 148 2.11 -4.35 -12.07
CA VAL B 148 3.22 -3.45 -12.39
C VAL B 148 2.81 -2.00 -12.12
N GLY B 149 1.79 -1.52 -12.83
CA GLY B 149 1.23 -0.19 -12.62
C GLY B 149 2.23 0.94 -12.53
N SER B 150 2.24 1.64 -11.39
CA SER B 150 3.10 2.79 -11.19
C SER B 150 4.52 2.44 -10.77
N ARG B 151 4.81 1.16 -10.50
CA ARG B 151 6.16 0.79 -10.08
C ARG B 151 7.17 0.95 -11.23
N ALA B 152 6.71 0.84 -12.46
CA ALA B 152 7.58 0.98 -13.63
C ALA B 152 7.51 2.40 -14.19
N PHE B 153 8.44 2.70 -15.09
CA PHE B 153 8.39 3.94 -15.84
C PHE B 153 7.31 3.81 -16.91
N GLU B 154 7.11 4.86 -17.71
CA GLU B 154 5.99 4.87 -18.63
C GLU B 154 6.20 3.85 -19.76
N GLY B 155 5.22 3.81 -20.67
CA GLY B 155 5.04 2.65 -21.53
C GLY B 155 6.06 2.50 -22.64
N ASP B 156 6.59 3.61 -23.15
CA ASP B 156 7.52 3.53 -24.26
C ASP B 156 8.79 2.79 -23.87
N PRO B 157 9.28 1.85 -24.68
CA PRO B 157 10.39 0.98 -24.27
C PRO B 157 11.72 1.70 -24.18
N GLU B 158 12.14 2.35 -25.26
CA GLU B 158 13.47 2.95 -25.31
C GLU B 158 13.61 4.05 -24.27
N ARG B 159 12.52 4.80 -24.02
CA ARG B 159 12.58 5.83 -22.98
C ARG B 159 12.62 5.20 -21.59
N ALA B 160 11.83 4.16 -21.37
CA ALA B 160 11.84 3.48 -20.07
C ALA B 160 13.21 2.90 -19.77
N ALA B 161 13.89 2.38 -20.80
CA ALA B 161 15.23 1.85 -20.60
C ALA B 161 16.24 2.97 -20.36
N LEU B 162 16.03 4.14 -20.96
CA LEU B 162 16.91 5.28 -20.71
C LEU B 162 16.74 5.80 -19.29
N LEU B 163 15.49 5.96 -18.84
CA LEU B 163 15.27 6.45 -17.49
C LEU B 163 15.70 5.44 -16.45
N ALA B 164 15.53 4.14 -16.74
CA ALA B 164 15.94 3.11 -15.80
C ALA B 164 17.45 2.95 -15.78
N GLY B 165 18.11 3.11 -16.92
CA GLY B 165 19.57 3.06 -16.94
C GLY B 165 20.19 4.19 -16.14
N ALA B 166 19.58 5.38 -16.19
CA ALA B 166 20.04 6.48 -15.36
C ALA B 166 19.83 6.17 -13.88
N PHE B 167 18.72 5.51 -13.55
CA PHE B 167 18.49 5.07 -12.17
C PHE B 167 19.59 4.12 -11.72
N ILE B 168 20.08 3.28 -12.64
CA ILE B 168 21.15 2.34 -12.31
C ILE B 168 22.45 3.10 -12.06
N ARG B 169 22.69 4.18 -12.82
CA ARG B 169 23.90 4.97 -12.63
C ARG B 169 23.98 5.51 -11.20
N GLY B 170 22.86 5.98 -10.64
CA GLY B 170 22.87 6.47 -9.28
C GLY B 170 23.14 5.37 -8.27
N MET B 171 22.55 4.19 -8.49
CA MET B 171 22.77 3.07 -7.58
C MET B 171 24.23 2.65 -7.58
N HIS B 172 24.84 2.55 -8.77
CA HIS B 172 26.24 2.18 -8.85
C HIS B 172 27.14 3.25 -8.25
N ALA B 173 26.73 4.53 -8.33
CA ALA B 173 27.51 5.61 -7.75
C ALA B 173 27.60 5.49 -6.24
N ALA B 174 26.57 4.93 -5.60
CA ALA B 174 26.57 4.70 -4.17
C ALA B 174 27.18 3.35 -3.79
N GLY B 175 27.67 2.59 -4.76
CA GLY B 175 28.28 1.30 -4.48
C GLY B 175 27.31 0.17 -4.32
N MET B 176 26.13 0.27 -4.93
CA MET B 176 25.10 -0.78 -4.84
C MET B 176 24.87 -1.37 -6.23
N ALA B 177 24.80 -2.70 -6.28
CA ALA B 177 24.50 -3.39 -7.53
C ALA B 177 23.01 -3.32 -7.83
N ALA B 178 22.69 -3.29 -9.12
CA ALA B 178 21.32 -3.15 -9.59
C ALA B 178 20.80 -4.48 -10.12
N THR B 179 19.51 -4.76 -9.86
CA THR B 179 18.85 -5.96 -10.34
C THR B 179 17.60 -5.56 -11.12
N GLY B 180 17.49 -6.02 -12.36
CA GLY B 180 16.35 -5.70 -13.20
C GLY B 180 15.19 -6.67 -12.97
N LYS B 181 13.98 -6.12 -13.05
CA LYS B 181 12.76 -6.90 -12.84
C LYS B 181 11.70 -6.53 -13.88
N HIS B 182 11.00 -7.52 -14.44
CA HIS B 182 11.22 -8.95 -14.20
C HIS B 182 11.37 -9.64 -15.56
N PHE B 183 12.55 -10.18 -15.84
CA PHE B 183 12.86 -10.79 -17.14
C PHE B 183 11.88 -11.93 -17.48
N PRO B 184 11.42 -11.97 -18.74
CA PRO B 184 11.72 -11.03 -19.83
C PRO B 184 10.72 -9.90 -19.98
N GLY B 185 9.73 -9.83 -19.09
CA GLY B 185 8.70 -8.81 -19.19
C GLY B 185 7.40 -9.22 -18.53
N HIS B 186 6.89 -8.36 -17.65
CA HIS B 186 5.67 -8.63 -16.89
C HIS B 186 4.54 -7.69 -17.28
N GLY B 187 4.72 -6.89 -18.32
CA GLY B 187 3.75 -5.85 -18.63
C GLY B 187 2.49 -6.32 -19.31
N TRP B 188 2.55 -7.45 -20.03
CA TRP B 188 1.40 -7.94 -20.78
C TRP B 188 0.66 -9.09 -20.10
N ALA B 189 1.23 -9.69 -19.07
CA ALA B 189 0.57 -10.80 -18.39
C ALA B 189 -0.57 -10.30 -17.51
N HIS B 194 -6.16 -16.86 -10.98
CA HIS B 194 -5.48 -17.55 -9.89
C HIS B 194 -5.59 -19.06 -10.07
N VAL B 195 -6.23 -19.48 -11.16
CA VAL B 195 -6.33 -20.90 -11.48
C VAL B 195 -4.98 -21.45 -11.92
N ALA B 196 -4.23 -20.67 -12.68
CA ALA B 196 -2.91 -21.08 -13.14
C ALA B 196 -2.02 -19.84 -13.22
N ILE B 197 -0.76 -20.06 -13.57
CA ILE B 197 0.20 -18.97 -13.71
C ILE B 197 -0.14 -18.15 -14.95
N PRO B 198 -0.08 -16.81 -14.89
CA PRO B 198 -0.44 -16.01 -16.06
C PRO B 198 0.45 -16.31 -17.26
N GLU B 199 -0.11 -16.10 -18.44
CA GLU B 199 0.59 -16.35 -19.68
C GLU B 199 0.70 -15.08 -20.52
N ASP B 200 1.65 -15.11 -21.45
CA ASP B 200 1.87 -14.02 -22.40
C ASP B 200 2.08 -14.68 -23.76
N ALA B 201 0.98 -14.96 -24.46
CA ALA B 201 0.99 -15.73 -25.70
C ALA B 201 1.30 -14.79 -26.86
N ARG B 202 2.57 -14.43 -26.99
CA ARG B 202 3.06 -13.63 -28.10
C ARG B 202 4.29 -14.28 -28.70
N SER B 203 4.52 -14.02 -29.98
CA SER B 203 5.70 -14.55 -30.66
C SER B 203 6.96 -13.99 -30.03
N LEU B 204 8.05 -14.78 -30.11
CA LEU B 204 9.34 -14.32 -29.60
C LEU B 204 9.80 -13.07 -30.34
N GLU B 205 9.57 -13.02 -31.65
CA GLU B 205 9.89 -11.81 -32.42
C GLU B 205 9.06 -10.62 -31.97
N GLU B 206 7.81 -10.86 -31.55
CA GLU B 206 6.96 -9.77 -31.08
C GLU B 206 7.29 -9.38 -29.64
N ILE B 207 7.71 -10.34 -28.82
CA ILE B 207 8.13 -10.02 -27.46
C ILE B 207 9.43 -9.23 -27.48
N ARG B 208 10.35 -9.61 -28.37
CA ARG B 208 11.62 -8.92 -28.50
C ARG B 208 11.43 -7.49 -28.99
N ARG B 209 10.35 -7.23 -29.74
CA ARG B 209 10.07 -5.90 -30.23
C ARG B 209 9.64 -4.94 -29.12
N SER B 210 9.09 -5.48 -28.03
CA SER B 210 8.49 -4.64 -27.00
C SER B 210 9.14 -4.82 -25.63
N ASP B 211 8.71 -5.86 -24.89
CA ASP B 211 9.09 -5.97 -23.49
C ASP B 211 10.53 -6.39 -23.29
N LEU B 212 11.21 -6.86 -24.33
CA LEU B 212 12.56 -7.40 -24.14
C LEU B 212 13.65 -6.37 -24.32
N VAL B 213 13.42 -5.32 -25.11
CA VAL B 213 14.46 -4.34 -25.42
C VAL B 213 14.92 -3.54 -24.19
N PRO B 214 14.08 -3.25 -23.19
CA PRO B 214 14.64 -2.62 -21.98
C PRO B 214 15.63 -3.53 -21.26
N PHE B 215 15.40 -4.85 -21.28
CA PHE B 215 16.38 -5.77 -20.74
C PHE B 215 17.60 -5.88 -21.64
N ALA B 216 17.42 -5.68 -22.95
CA ALA B 216 18.55 -5.76 -23.87
C ALA B 216 19.50 -4.60 -23.68
N ARG B 217 18.98 -3.36 -23.64
CA ARG B 217 19.83 -2.19 -23.51
C ARG B 217 20.66 -2.24 -22.24
N LEU B 218 20.04 -2.64 -21.13
CA LEU B 218 20.69 -2.61 -19.83
C LEU B 218 21.29 -3.96 -19.46
N ALA B 219 21.47 -4.86 -20.43
CA ALA B 219 22.01 -6.18 -20.12
C ALA B 219 23.45 -6.07 -19.63
N GLY B 220 24.28 -5.27 -20.30
CA GLY B 220 25.65 -5.08 -19.86
C GLY B 220 25.81 -4.17 -18.66
N GLN B 221 24.75 -3.43 -18.30
CA GLN B 221 24.80 -2.51 -17.18
C GLN B 221 24.33 -3.15 -15.88
N LEU B 222 23.27 -3.96 -15.97
CA LEU B 222 22.72 -4.60 -14.78
C LEU B 222 23.69 -5.62 -14.20
N ASP B 223 23.72 -5.69 -12.87
CA ASP B 223 24.51 -6.68 -12.17
C ASP B 223 23.74 -7.98 -11.94
N ALA B 224 22.41 -7.92 -11.92
CA ALA B 224 21.60 -9.10 -11.68
C ALA B 224 20.24 -8.94 -12.35
N LEU B 225 19.47 -10.02 -12.35
CA LEU B 225 18.15 -10.06 -12.96
C LEU B 225 17.26 -11.02 -12.18
N MET B 226 15.98 -10.69 -12.11
CA MET B 226 14.96 -11.54 -11.53
C MET B 226 13.97 -11.95 -12.60
N PRO B 227 13.59 -13.23 -12.68
CA PRO B 227 12.64 -13.67 -13.71
C PRO B 227 11.20 -13.36 -13.33
N ALA B 228 10.37 -13.27 -14.37
CA ALA B 228 8.94 -13.05 -14.21
C ALA B 228 8.22 -14.38 -14.05
N HIS B 229 7.23 -14.41 -13.16
CA HIS B 229 6.42 -15.60 -12.93
C HIS B 229 5.34 -15.66 -14.03
N VAL B 230 5.81 -15.86 -15.26
CA VAL B 230 4.97 -15.82 -16.45
C VAL B 230 5.43 -16.91 -17.41
N ILE B 231 4.47 -17.57 -18.06
CA ILE B 231 4.75 -18.57 -19.09
C ILE B 231 4.54 -17.94 -20.46
N TYR B 232 5.47 -18.19 -21.38
CA TYR B 232 5.40 -17.70 -22.76
C TYR B 232 5.33 -18.92 -23.66
N PRO B 233 4.13 -19.35 -24.03
CA PRO B 233 3.99 -20.69 -24.65
C PRO B 233 4.72 -20.85 -25.96
N GLN B 234 4.78 -19.81 -26.79
CA GLN B 234 5.42 -19.91 -28.09
C GLN B 234 6.96 -19.85 -28.00
N VAL B 235 7.52 -19.85 -26.79
CA VAL B 235 8.96 -19.78 -26.64
C VAL B 235 9.46 -21.00 -25.86
N ASP B 236 8.91 -21.20 -24.66
CA ASP B 236 9.26 -22.32 -23.81
C ASP B 236 8.02 -22.72 -23.03
N PRO B 237 7.77 -24.02 -22.86
CA PRO B 237 6.57 -24.44 -22.11
C PRO B 237 6.65 -24.16 -20.62
N GLN B 238 7.80 -23.70 -20.12
CA GLN B 238 8.02 -23.45 -18.70
C GLN B 238 8.06 -21.95 -18.43
N PRO B 239 7.89 -21.54 -17.17
CA PRO B 239 8.11 -20.14 -16.81
C PRO B 239 9.57 -19.75 -17.04
N ALA B 240 9.81 -18.44 -17.11
CA ALA B 240 11.16 -17.94 -17.37
C ALA B 240 12.11 -18.33 -16.26
N GLY B 241 11.64 -18.34 -15.02
CA GLY B 241 12.48 -18.72 -13.89
C GLY B 241 12.95 -20.16 -13.92
N PHE B 242 12.41 -20.98 -14.82
CA PHE B 242 12.78 -22.38 -14.96
C PHE B 242 13.09 -22.76 -16.40
N SER B 243 12.99 -21.84 -17.34
CA SER B 243 13.24 -22.14 -18.75
C SER B 243 14.74 -22.07 -19.03
N ARG B 244 15.32 -23.20 -19.44
CA ARG B 244 16.71 -23.19 -19.87
C ARG B 244 16.92 -22.31 -21.09
N ARG B 245 15.89 -22.18 -21.94
CA ARG B 245 16.02 -21.35 -23.13
C ARG B 245 15.97 -19.87 -22.79
N TRP B 246 15.06 -19.46 -21.91
CA TRP B 246 14.96 -18.05 -21.56
C TRP B 246 16.22 -17.57 -20.85
N LEU B 247 16.80 -18.41 -19.98
CA LEU B 247 17.93 -17.97 -19.16
C LEU B 247 19.28 -18.27 -19.80
N GLN B 248 19.52 -19.52 -20.20
CA GLN B 248 20.82 -19.88 -20.75
C GLN B 248 20.95 -19.61 -22.23
N GLU B 249 19.88 -19.80 -23.00
CA GLU B 249 20.01 -19.75 -24.45
C GLU B 249 19.97 -18.33 -25.00
N ILE B 250 19.04 -17.50 -24.51
CA ILE B 250 18.89 -16.15 -25.06
C ILE B 250 19.36 -15.06 -24.08
N LEU B 251 19.23 -15.26 -22.77
CA LEU B 251 19.66 -14.22 -21.84
C LEU B 251 21.18 -14.15 -21.78
N ARG B 252 21.85 -15.29 -21.62
CA ARG B 252 23.30 -15.30 -21.51
C ARG B 252 23.98 -15.29 -22.87
N GLY B 253 23.36 -15.88 -23.88
CA GLY B 253 23.97 -15.94 -25.20
C GLY B 253 23.62 -14.77 -26.09
N GLU B 254 22.32 -14.54 -26.29
CA GLU B 254 21.89 -13.46 -27.18
C GLU B 254 22.11 -12.09 -26.53
N LEU B 255 21.58 -11.88 -25.33
CA LEU B 255 21.73 -10.62 -24.64
C LEU B 255 23.10 -10.43 -24.01
N LYS B 256 23.89 -11.50 -23.89
CA LYS B 256 25.22 -11.47 -23.29
C LYS B 256 25.17 -10.85 -21.88
N PHE B 257 24.32 -11.45 -21.05
CA PHE B 257 24.18 -11.03 -19.66
C PHE B 257 25.12 -11.87 -18.81
N ASP B 258 26.15 -11.23 -18.25
CA ASP B 258 27.15 -11.93 -17.47
C ASP B 258 27.00 -11.59 -15.98
N GLY B 259 25.78 -11.67 -15.46
CA GLY B 259 25.53 -11.29 -14.09
C GLY B 259 24.92 -12.39 -13.25
N VAL B 260 24.20 -12.01 -12.20
CA VAL B 260 23.57 -12.95 -11.29
C VAL B 260 22.12 -13.14 -11.72
N ILE B 261 21.70 -14.40 -11.86
CA ILE B 261 20.31 -14.73 -12.17
C ILE B 261 19.67 -15.18 -10.87
N PHE B 262 18.86 -14.30 -10.28
CA PHE B 262 18.00 -14.72 -9.18
C PHE B 262 16.85 -15.57 -9.71
N SER B 263 15.97 -15.99 -8.82
CA SER B 263 14.79 -16.74 -9.18
C SER B 263 13.57 -16.04 -8.61
N ASP B 264 12.40 -16.42 -9.11
CA ASP B 264 11.16 -15.96 -8.53
C ASP B 264 10.96 -16.61 -7.16
N ASP B 265 9.92 -16.18 -6.46
CA ASP B 265 9.63 -16.74 -5.14
C ASP B 265 9.27 -18.20 -5.29
N LEU B 266 10.17 -19.09 -4.85
CA LEU B 266 9.96 -20.52 -4.99
C LEU B 266 8.89 -21.07 -4.07
N SER B 267 8.29 -20.24 -3.21
CA SER B 267 7.14 -20.61 -2.41
C SER B 267 5.94 -19.76 -2.80
N MET B 268 5.81 -19.46 -4.08
CA MET B 268 4.72 -18.64 -4.57
C MET B 268 3.40 -19.39 -4.48
N ALA B 269 2.35 -18.68 -4.07
CA ALA B 269 1.02 -19.28 -3.99
C ALA B 269 0.46 -19.49 -5.39
N GLY B 270 0.22 -20.76 -5.74
CA GLY B 270 -0.28 -21.07 -7.07
C GLY B 270 0.76 -21.23 -8.15
N ALA B 271 2.02 -21.46 -7.78
CA ALA B 271 3.06 -21.63 -8.78
C ALA B 271 2.83 -22.93 -9.56
N HIS B 272 2.89 -22.83 -10.89
CA HIS B 272 2.58 -23.97 -11.74
C HIS B 272 3.56 -25.12 -11.52
N VAL B 273 4.80 -24.80 -11.13
CA VAL B 273 5.81 -25.83 -10.93
C VAL B 273 5.39 -26.70 -9.75
N VAL B 274 4.84 -27.88 -10.07
CA VAL B 274 4.32 -28.77 -9.04
C VAL B 274 5.48 -29.43 -8.30
N GLY B 275 5.30 -29.62 -7.00
CA GLY B 275 6.35 -30.17 -6.15
C GLY B 275 6.71 -29.22 -5.02
N ASP B 276 7.63 -29.69 -4.18
CA ASP B 276 8.07 -28.93 -3.02
C ASP B 276 9.23 -28.02 -3.37
N ALA B 277 9.62 -27.19 -2.40
CA ALA B 277 10.71 -26.24 -2.62
C ALA B 277 12.05 -26.94 -2.87
N ALA B 278 12.17 -28.20 -2.47
CA ALA B 278 13.41 -28.93 -2.72
C ALA B 278 13.62 -29.17 -4.22
N SER B 279 12.55 -29.45 -4.95
CA SER B 279 12.67 -29.66 -6.39
C SER B 279 12.59 -28.37 -7.18
N ARG B 280 11.88 -27.35 -6.67
CA ARG B 280 11.79 -26.09 -7.39
C ARG B 280 13.15 -25.40 -7.50
N ILE B 281 13.96 -25.50 -6.44
CA ILE B 281 15.25 -24.82 -6.47
C ILE B 281 16.24 -25.58 -7.34
N GLU B 282 16.14 -26.92 -7.41
CA GLU B 282 16.97 -27.67 -8.33
C GLU B 282 16.66 -27.31 -9.77
N ALA B 283 15.37 -27.11 -10.07
CA ALA B 283 14.97 -26.74 -11.43
C ALA B 283 15.47 -25.35 -11.79
N ALA B 284 15.48 -24.44 -10.82
CA ALA B 284 15.99 -23.10 -11.09
C ALA B 284 17.50 -23.13 -11.32
N LEU B 285 18.23 -23.89 -10.50
CA LEU B 285 19.68 -23.97 -10.65
C LEU B 285 20.07 -24.63 -11.98
N ALA B 286 19.33 -25.66 -12.38
CA ALA B 286 19.60 -26.30 -13.66
C ALA B 286 19.27 -25.38 -14.82
N ALA B 287 18.28 -24.50 -14.65
CA ALA B 287 17.91 -23.56 -15.71
C ALA B 287 18.93 -22.45 -15.89
N GLY B 288 19.73 -22.15 -14.87
CA GLY B 288 20.74 -21.12 -14.99
C GLY B 288 20.75 -20.15 -13.83
N CYS B 289 19.78 -20.28 -12.92
CA CYS B 289 19.72 -19.41 -11.77
C CYS B 289 20.90 -19.66 -10.84
N ASP B 290 21.36 -18.59 -10.19
CA ASP B 290 22.48 -18.65 -9.27
C ASP B 290 22.06 -18.70 -7.81
N MET B 291 20.94 -18.07 -7.46
CA MET B 291 20.45 -18.04 -6.09
C MET B 291 18.94 -18.24 -6.11
N GLY B 292 18.42 -19.01 -5.16
CA GLY B 292 17.00 -19.33 -5.08
C GLY B 292 16.35 -18.67 -3.88
N LEU B 293 15.16 -18.09 -4.10
CA LEU B 293 14.44 -17.34 -3.08
C LEU B 293 13.26 -18.15 -2.56
N VAL B 294 13.16 -18.26 -1.24
CA VAL B 294 12.01 -18.87 -0.58
C VAL B 294 11.57 -17.89 0.50
N CYS B 295 10.48 -17.18 0.26
CA CYS B 295 10.04 -16.08 1.12
C CYS B 295 8.77 -16.47 1.88
N ASN B 296 8.69 -16.01 3.13
CA ASN B 296 7.48 -16.14 3.96
C ASN B 296 7.07 -17.59 4.16
N ASP B 297 8.04 -18.51 4.18
CA ASP B 297 7.74 -19.93 4.38
C ASP B 297 9.01 -20.61 4.92
N ARG B 298 9.07 -20.77 6.24
CA ARG B 298 10.28 -21.32 6.85
C ARG B 298 10.47 -22.79 6.50
N ALA B 299 9.39 -23.58 6.57
CA ALA B 299 9.51 -25.01 6.33
C ALA B 299 10.00 -25.31 4.92
N SER B 300 9.62 -24.48 3.94
CA SER B 300 10.11 -24.68 2.58
C SER B 300 11.57 -24.28 2.44
N ALA B 301 12.03 -23.32 3.25
CA ALA B 301 13.44 -22.93 3.21
C ALA B 301 14.35 -24.05 3.70
N GLU B 302 13.94 -24.76 4.75
CA GLU B 302 14.72 -25.89 5.21
C GLU B 302 14.71 -27.03 4.21
N LEU B 303 13.61 -27.22 3.50
CA LEU B 303 13.54 -28.24 2.45
C LEU B 303 14.54 -27.93 1.34
N ALA B 304 14.56 -26.67 0.88
CA ALA B 304 15.50 -26.27 -0.16
C ALA B 304 16.94 -26.28 0.34
N LEU B 305 17.15 -25.99 1.64
CA LEU B 305 18.49 -26.08 2.19
C LEU B 305 18.99 -27.51 2.17
N ALA B 306 18.15 -28.46 2.59
CA ALA B 306 18.55 -29.86 2.61
C ALA B 306 18.85 -30.38 1.21
N ALA B 307 18.12 -29.90 0.20
CA ALA B 307 18.41 -30.31 -1.16
C ALA B 307 19.76 -29.79 -1.63
N LEU B 308 20.07 -28.53 -1.31
CA LEU B 308 21.37 -27.97 -1.68
C LEU B 308 22.50 -28.69 -0.95
N GLN B 309 22.26 -29.14 0.28
CA GLN B 309 23.29 -29.87 1.02
C GLN B 309 23.52 -31.26 0.42
N ARG B 310 22.45 -31.95 0.03
CA ARG B 310 22.62 -33.26 -0.58
C ARG B 310 23.13 -33.17 -2.01
N LEU B 311 22.98 -32.01 -2.65
CA LEU B 311 23.58 -31.76 -3.96
C LEU B 311 25.03 -31.31 -3.86
N LYS B 312 25.50 -30.94 -2.67
CA LYS B 312 26.87 -30.49 -2.45
C LYS B 312 27.22 -29.31 -3.37
N VAL B 313 26.51 -28.21 -3.16
CA VAL B 313 26.63 -27.04 -4.01
C VAL B 313 27.58 -26.04 -3.36
N THR B 314 28.24 -25.25 -4.21
CA THR B 314 29.09 -24.15 -3.79
C THR B 314 28.54 -22.85 -4.37
N PRO B 315 28.72 -21.72 -3.68
CA PRO B 315 28.19 -20.45 -4.17
C PRO B 315 28.80 -20.08 -5.50
N PRO B 316 28.02 -19.56 -6.44
CA PRO B 316 28.58 -19.15 -7.72
C PRO B 316 29.50 -17.95 -7.57
N SER B 317 30.49 -17.88 -8.46
CA SER B 317 31.48 -16.80 -8.40
C SER B 317 30.88 -15.43 -8.67
N ARG B 318 29.75 -15.38 -9.39
CA ARG B 318 29.13 -14.09 -9.68
C ARG B 318 28.54 -13.44 -8.44
N LEU B 319 28.31 -14.22 -7.38
CA LEU B 319 27.50 -13.74 -6.25
C LEU B 319 28.19 -12.64 -5.47
N GLN B 320 29.53 -12.58 -5.51
CA GLN B 320 30.23 -11.59 -4.71
C GLN B 320 30.12 -10.19 -5.29
N ARG B 321 29.85 -10.06 -6.59
CA ARG B 321 29.67 -8.74 -7.17
C ARG B 321 28.41 -8.05 -6.68
N MET B 322 27.58 -8.73 -5.89
CA MET B 322 26.35 -8.14 -5.36
C MET B 322 26.55 -7.48 -4.00
N ARG B 323 27.66 -7.74 -3.33
CA ARG B 323 27.94 -7.09 -2.06
C ARG B 323 27.99 -5.57 -2.24
N GLY B 324 27.25 -4.86 -1.39
CA GLY B 324 27.23 -3.41 -1.48
C GLY B 324 28.57 -2.82 -1.10
N LYS B 325 29.12 -1.99 -1.98
CA LYS B 325 30.40 -1.32 -1.73
C LYS B 325 30.28 -0.17 -0.76
N GLY B 326 29.08 0.15 -0.30
CA GLY B 326 28.90 1.11 0.77
C GLY B 326 28.85 0.43 2.13
N TYR B 327 28.90 1.26 3.18
CA TYR B 327 28.95 0.78 4.54
C TYR B 327 27.84 1.43 5.36
N ALA B 328 27.51 0.79 6.47
CA ALA B 328 26.50 1.31 7.40
C ALA B 328 26.96 2.65 7.97
N ASN B 329 26.26 3.72 7.60
CA ASN B 329 26.69 5.07 7.92
C ASN B 329 25.57 5.79 8.67
N THR B 330 25.91 6.34 9.84
CA THR B 330 24.92 7.03 10.66
C THR B 330 24.70 8.48 10.25
N ASP B 331 25.66 9.09 9.56
CA ASP B 331 25.60 10.50 9.19
C ASP B 331 25.51 10.68 7.68
N TYR B 332 24.77 9.79 7.01
CA TYR B 332 24.63 9.88 5.56
C TYR B 332 23.79 11.06 5.11
N ARG B 333 23.08 11.72 6.04
CA ARG B 333 22.30 12.90 5.70
C ARG B 333 23.12 14.18 5.73
N GLN B 334 24.33 14.14 6.28
CA GLN B 334 25.26 15.26 6.22
C GLN B 334 26.23 15.13 5.05
N GLN B 335 26.16 14.04 4.29
CA GLN B 335 26.99 13.92 3.10
C GLN B 335 26.63 15.03 2.11
N PRO B 336 27.61 15.58 1.39
CA PRO B 336 27.28 16.70 0.49
C PRO B 336 26.31 16.34 -0.62
N ARG B 337 26.53 15.22 -1.32
CA ARG B 337 25.62 14.86 -2.41
C ARG B 337 24.21 14.61 -1.90
N TRP B 338 24.08 14.07 -0.68
CA TRP B 338 22.75 13.90 -0.11
C TRP B 338 22.02 15.23 -0.01
N LEU B 339 22.77 16.33 0.19
CA LEU B 339 22.14 17.64 0.23
C LEU B 339 21.74 18.12 -1.16
N GLU B 340 22.62 17.93 -2.15
CA GLU B 340 22.30 18.36 -3.50
C GLU B 340 21.21 17.50 -4.14
N ALA B 341 21.25 16.19 -3.89
CA ALA B 341 20.23 15.30 -4.45
C ALA B 341 18.86 15.58 -3.85
N LEU B 342 18.81 15.82 -2.54
CA LEU B 342 17.54 16.06 -1.87
C LEU B 342 16.86 17.32 -2.42
N SER B 343 17.63 18.38 -2.66
CA SER B 343 17.06 19.63 -3.15
C SER B 343 16.61 19.52 -4.61
N ALA B 344 17.35 18.76 -5.43
CA ALA B 344 17.01 18.64 -6.84
C ALA B 344 15.73 17.83 -7.04
N LEU B 345 15.44 16.89 -6.14
CA LEU B 345 14.24 16.07 -6.30
C LEU B 345 12.98 16.84 -5.90
N ARG B 346 13.03 17.60 -4.82
CA ARG B 346 11.89 18.43 -4.46
C ARG B 346 11.78 19.70 -5.30
N ALA B 347 12.82 20.03 -6.08
CA ALA B 347 12.69 21.12 -7.03
C ALA B 347 11.67 20.80 -8.12
N ALA B 348 11.49 19.51 -8.43
CA ALA B 348 10.43 19.05 -9.30
C ALA B 348 9.24 18.53 -8.52
N GLN B 349 9.19 18.79 -7.22
CA GLN B 349 8.07 18.42 -6.34
C GLN B 349 7.85 16.91 -6.34
N LEU B 350 8.85 16.18 -5.85
CA LEU B 350 8.79 14.74 -5.72
C LEU B 350 9.05 14.22 -4.31
N ILE B 351 9.90 14.90 -3.54
CA ILE B 351 10.15 14.55 -2.14
C ILE B 351 9.28 15.42 -1.25
N ASP B 352 8.62 14.79 -0.29
CA ASP B 352 7.69 15.48 0.60
C ASP B 352 8.39 16.55 1.41
C1 NAG C . -14.95 1.21 2.40
C2 NAG C . -13.81 1.18 3.41
C3 NAG C . -13.83 2.49 4.17
C4 NAG C . -13.74 3.68 3.23
C5 NAG C . -14.86 3.58 2.20
C6 NAG C . -14.79 4.67 1.14
C7 NAG C . -13.08 -0.92 4.51
C8 NAG C . -13.64 -2.17 5.10
N2 NAG C . -13.95 0.05 4.30
O1 NAG C . -14.95 0.02 1.63
O3 NAG C . -12.77 2.50 5.11
O4 NAG C . -13.88 4.89 3.97
O5 NAG C . -14.86 2.33 1.52
O6 NAG C . -13.56 4.59 0.45
O7 NAG C . -11.91 -0.83 4.26
C1 NAG D . 8.21 -11.23 -5.74
C2 NAG D . 8.02 -9.82 -6.29
C3 NAG D . 9.35 -9.07 -6.31
C4 NAG D . 9.94 -9.10 -4.91
C5 NAG D . 10.04 -10.53 -4.40
C6 NAG D . 10.54 -10.62 -2.97
C7 NAG D . 6.50 -8.92 -7.93
C8 NAG D . 6.03 -8.94 -9.34
N2 NAG D . 7.38 -9.83 -7.60
O1 NAG D . 6.93 -11.86 -5.65
O3 NAG D . 9.11 -7.72 -6.71
O4 NAG D . 11.24 -8.51 -4.96
O5 NAG D . 8.77 -11.17 -4.43
O6 NAG D . 10.13 -9.50 -2.22
O7 NAG D . 6.10 -8.12 -7.12
#